data_1NHL
# 
_entry.id   1NHL 
# 
_audit_conform.dict_name       mmcif_pdbx.dic 
_audit_conform.dict_version    5.399 
_audit_conform.dict_location   http://mmcif.pdb.org/dictionaries/ascii/mmcif_pdbx.dic 
# 
loop_
_database_2.database_id 
_database_2.database_code 
_database_2.pdbx_database_accession 
_database_2.pdbx_DOI 
PDB   1NHL         pdb_00001nhl 10.2210/pdb1nhl/pdb 
RCSB  RCSB017879   ?            ?                   
WWPDB D_1000017879 ?            ?                   
# 
loop_
_pdbx_audit_revision_history.ordinal 
_pdbx_audit_revision_history.data_content_type 
_pdbx_audit_revision_history.major_revision 
_pdbx_audit_revision_history.minor_revision 
_pdbx_audit_revision_history.revision_date 
1 'Structure model' 1 0 2003-04-15 
2 'Structure model' 1 1 2008-04-29 
3 'Structure model' 1 2 2011-07-13 
4 'Structure model' 1 3 2024-11-20 
# 
_pdbx_audit_revision_details.ordinal             1 
_pdbx_audit_revision_details.revision_ordinal    1 
_pdbx_audit_revision_details.data_content_type   'Structure model' 
_pdbx_audit_revision_details.provider            repository 
_pdbx_audit_revision_details.type                'Initial release' 
_pdbx_audit_revision_details.description         ? 
_pdbx_audit_revision_details.details             ? 
# 
loop_
_pdbx_audit_revision_group.ordinal 
_pdbx_audit_revision_group.revision_ordinal 
_pdbx_audit_revision_group.data_content_type 
_pdbx_audit_revision_group.group 
1 2 'Structure model' 'Version format compliance' 
2 3 'Structure model' 'Derived calculations'      
3 3 'Structure model' 'Version format compliance' 
4 4 'Structure model' 'Data collection'           
5 4 'Structure model' 'Database references'       
6 4 'Structure model' 'Derived calculations'      
7 4 'Structure model' 'Structure summary'         
# 
loop_
_pdbx_audit_revision_category.ordinal 
_pdbx_audit_revision_category.revision_ordinal 
_pdbx_audit_revision_category.data_content_type 
_pdbx_audit_revision_category.category 
1 4 'Structure model' chem_comp_atom            
2 4 'Structure model' chem_comp_bond            
3 4 'Structure model' database_2                
4 4 'Structure model' pdbx_entry_details        
5 4 'Structure model' pdbx_modification_feature 
6 4 'Structure model' struct_conn               
7 4 'Structure model' struct_ref_seq_dif        
# 
loop_
_pdbx_audit_revision_item.ordinal 
_pdbx_audit_revision_item.revision_ordinal 
_pdbx_audit_revision_item.data_content_type 
_pdbx_audit_revision_item.item 
1 4 'Structure model' '_database_2.pdbx_DOI'                
2 4 'Structure model' '_database_2.pdbx_database_accession' 
3 4 'Structure model' '_struct_conn.pdbx_leaving_atom_flag' 
4 4 'Structure model' '_struct_ref_seq_dif.details'         
# 
_pdbx_database_status.status_code                     REL 
_pdbx_database_status.entry_id                        1NHL 
_pdbx_database_status.recvd_initial_deposition_date   2002-12-19 
_pdbx_database_status.deposit_site                    RCSB 
_pdbx_database_status.process_site                    RCSB 
_pdbx_database_status.status_code_sf                  REL 
_pdbx_database_status.SG_entry                        . 
_pdbx_database_status.status_code_mr                  ? 
_pdbx_database_status.pdb_format_compatible           Y 
_pdbx_database_status.status_code_cs                  ? 
_pdbx_database_status.status_code_nmr_data            ? 
_pdbx_database_status.methods_development_category    ? 
# 
_pdbx_database_related.db_name        PDB 
_pdbx_database_related.db_id          1SFC 
_pdbx_database_related.details        'Neuronal Synaptic Fusion Complex' 
_pdbx_database_related.content_type   unspecified 
# 
loop_
_audit_author.name 
_audit_author.pdbx_ordinal 
'Freedman, S.J.' 1 
'Song, H.K.'     2 
'Xu, Y.'         3 
'Eck, M.J.'      4 
# 
_citation.id                        primary 
_citation.title                     'Homotetrameric Structure of the SNAP-23 N-terminal Coiled-coil Domain' 
_citation.journal_abbrev            J.Biol.Chem. 
_citation.journal_volume            278 
_citation.page_first                13462 
_citation.page_last                 13467 
_citation.year                      2003 
_citation.journal_id_ASTM           JBCHA3 
_citation.country                   US 
_citation.journal_id_ISSN           0021-9258 
_citation.journal_id_CSD            0071 
_citation.book_publisher            ? 
_citation.pdbx_database_id_PubMed   12556468 
_citation.pdbx_database_id_DOI      10.1074/jbc.M210483200 
# 
loop_
_citation_author.citation_id 
_citation_author.name 
_citation_author.ordinal 
_citation_author.identifier_ORCID 
primary 'Freedman, S.J.' 1 ? 
primary 'Song, H.K.'     2 ? 
primary 'Xu, Y.'         3 ? 
primary 'Sun, Z.Y.'      4 ? 
primary 'Eck, M.J.'      5 ? 
# 
loop_
_entity.id 
_entity.type 
_entity.src_method 
_entity.pdbx_description 
_entity.formula_weight 
_entity.pdbx_number_of_molecules 
_entity.pdbx_ec 
_entity.pdbx_mutation 
_entity.pdbx_fragment 
_entity.details 
1 polymer man 'Synaptosomal-associated protein 23' 6318.813 1  ? ? 'SNAP-23 N-terminal coiled-coil domain' ? 
2 water   nat water                                18.015   43 ? ? ?                                       ? 
# 
_entity_name_com.entity_id   1 
_entity_name_com.name        'SNAP-23, Vesicle-membrane fusion protein SNAP-23' 
# 
_entity_poly.entity_id                      1 
_entity_poly.type                           'polypeptide(L)' 
_entity_poly.nstd_linkage                   no 
_entity_poly.nstd_monomer                   yes 
_entity_poly.pdbx_seq_one_letter_code       'STRRILGLAIESQDAGIKTIT(MSE)LDEQKEQLNRIEEGLDQINKD(MSE)RETEKTLTEL' 
_entity_poly.pdbx_seq_one_letter_code_can   STRRILGLAIESQDAGIKTITMLDEQKEQLNRIEEGLDQINKDMRETEKTLTEL 
_entity_poly.pdbx_strand_id                 A 
_entity_poly.pdbx_target_identifier         ? 
# 
_pdbx_entity_nonpoly.entity_id   2 
_pdbx_entity_nonpoly.name        water 
_pdbx_entity_nonpoly.comp_id     HOH 
# 
loop_
_entity_poly_seq.entity_id 
_entity_poly_seq.num 
_entity_poly_seq.mon_id 
_entity_poly_seq.hetero 
1 1  SER n 
1 2  THR n 
1 3  ARG n 
1 4  ARG n 
1 5  ILE n 
1 6  LEU n 
1 7  GLY n 
1 8  LEU n 
1 9  ALA n 
1 10 ILE n 
1 11 GLU n 
1 12 SER n 
1 13 GLN n 
1 14 ASP n 
1 15 ALA n 
1 16 GLY n 
1 17 ILE n 
1 18 LYS n 
1 19 THR n 
1 20 ILE n 
1 21 THR n 
1 22 MSE n 
1 23 LEU n 
1 24 ASP n 
1 25 GLU n 
1 26 GLN n 
1 27 LYS n 
1 28 GLU n 
1 29 GLN n 
1 30 LEU n 
1 31 ASN n 
1 32 ARG n 
1 33 ILE n 
1 34 GLU n 
1 35 GLU n 
1 36 GLY n 
1 37 LEU n 
1 38 ASP n 
1 39 GLN n 
1 40 ILE n 
1 41 ASN n 
1 42 LYS n 
1 43 ASP n 
1 44 MSE n 
1 45 ARG n 
1 46 GLU n 
1 47 THR n 
1 48 GLU n 
1 49 LYS n 
1 50 THR n 
1 51 LEU n 
1 52 THR n 
1 53 GLU n 
1 54 LEU n 
# 
_entity_src_gen.entity_id                          1 
_entity_src_gen.pdbx_src_id                        1 
_entity_src_gen.pdbx_alt_source_flag               sample 
_entity_src_gen.pdbx_seq_type                      ? 
_entity_src_gen.pdbx_beg_seq_num                   ? 
_entity_src_gen.pdbx_end_seq_num                   ? 
_entity_src_gen.gene_src_common_name               human 
_entity_src_gen.gene_src_genus                     Homo 
_entity_src_gen.pdbx_gene_src_gene                 SNAP23 
_entity_src_gen.gene_src_species                   ? 
_entity_src_gen.gene_src_strain                    ? 
_entity_src_gen.gene_src_tissue                    ? 
_entity_src_gen.gene_src_tissue_fraction           ? 
_entity_src_gen.gene_src_details                   ? 
_entity_src_gen.pdbx_gene_src_fragment             ? 
_entity_src_gen.pdbx_gene_src_scientific_name      'Homo sapiens' 
_entity_src_gen.pdbx_gene_src_ncbi_taxonomy_id     9606 
_entity_src_gen.pdbx_gene_src_variant              ? 
_entity_src_gen.pdbx_gene_src_cell_line            ? 
_entity_src_gen.pdbx_gene_src_atcc                 ? 
_entity_src_gen.pdbx_gene_src_organ                ? 
_entity_src_gen.pdbx_gene_src_organelle            ? 
_entity_src_gen.pdbx_gene_src_cell                 ? 
_entity_src_gen.pdbx_gene_src_cellular_location    ? 
_entity_src_gen.host_org_common_name               ? 
_entity_src_gen.pdbx_host_org_scientific_name      'Escherichia coli BL21(DE3)' 
_entity_src_gen.pdbx_host_org_ncbi_taxonomy_id     469008 
_entity_src_gen.host_org_genus                     Escherichia 
_entity_src_gen.pdbx_host_org_gene                 ? 
_entity_src_gen.pdbx_host_org_organ                ? 
_entity_src_gen.host_org_species                   'Escherichia coli' 
_entity_src_gen.pdbx_host_org_tissue               ? 
_entity_src_gen.pdbx_host_org_tissue_fraction      ? 
_entity_src_gen.pdbx_host_org_strain               'BL21(DE3)' 
_entity_src_gen.pdbx_host_org_variant              ? 
_entity_src_gen.pdbx_host_org_cell_line            ? 
_entity_src_gen.pdbx_host_org_atcc                 ? 
_entity_src_gen.pdbx_host_org_culture_collection   ? 
_entity_src_gen.pdbx_host_org_cell                 ? 
_entity_src_gen.pdbx_host_org_organelle            ? 
_entity_src_gen.pdbx_host_org_cellular_location    ? 
_entity_src_gen.pdbx_host_org_vector_type          PLASMID 
_entity_src_gen.pdbx_host_org_vector               ? 
_entity_src_gen.host_org_details                   ? 
_entity_src_gen.expression_system_id               ? 
_entity_src_gen.plasmid_name                       pET 
_entity_src_gen.plasmid_details                    ? 
_entity_src_gen.pdbx_description                   ? 
# 
loop_
_chem_comp.id 
_chem_comp.type 
_chem_comp.mon_nstd_flag 
_chem_comp.name 
_chem_comp.pdbx_synonyms 
_chem_comp.formula 
_chem_comp.formula_weight 
ALA 'L-peptide linking' y ALANINE          ? 'C3 H7 N O2'     89.093  
ARG 'L-peptide linking' y ARGININE         ? 'C6 H15 N4 O2 1' 175.209 
ASN 'L-peptide linking' y ASPARAGINE       ? 'C4 H8 N2 O3'    132.118 
ASP 'L-peptide linking' y 'ASPARTIC ACID'  ? 'C4 H7 N O4'     133.103 
GLN 'L-peptide linking' y GLUTAMINE        ? 'C5 H10 N2 O3'   146.144 
GLU 'L-peptide linking' y 'GLUTAMIC ACID'  ? 'C5 H9 N O4'     147.129 
GLY 'peptide linking'   y GLYCINE          ? 'C2 H5 N O2'     75.067  
HOH non-polymer         . WATER            ? 'H2 O'           18.015  
ILE 'L-peptide linking' y ISOLEUCINE       ? 'C6 H13 N O2'    131.173 
LEU 'L-peptide linking' y LEUCINE          ? 'C6 H13 N O2'    131.173 
LYS 'L-peptide linking' y LYSINE           ? 'C6 H15 N2 O2 1' 147.195 
MET 'L-peptide linking' y METHIONINE       ? 'C5 H11 N O2 S'  149.211 
MSE 'L-peptide linking' n SELENOMETHIONINE ? 'C5 H11 N O2 Se' 196.106 
SER 'L-peptide linking' y SERINE           ? 'C3 H7 N O3'     105.093 
THR 'L-peptide linking' y THREONINE        ? 'C4 H9 N O3'     119.119 
# 
loop_
_pdbx_poly_seq_scheme.asym_id 
_pdbx_poly_seq_scheme.entity_id 
_pdbx_poly_seq_scheme.seq_id 
_pdbx_poly_seq_scheme.mon_id 
_pdbx_poly_seq_scheme.ndb_seq_num 
_pdbx_poly_seq_scheme.pdb_seq_num 
_pdbx_poly_seq_scheme.auth_seq_num 
_pdbx_poly_seq_scheme.pdb_mon_id 
_pdbx_poly_seq_scheme.auth_mon_id 
_pdbx_poly_seq_scheme.pdb_strand_id 
_pdbx_poly_seq_scheme.pdb_ins_code 
_pdbx_poly_seq_scheme.hetero 
A 1 1  SER 1  28 28 SER SER A . n 
A 1 2  THR 2  29 29 THR THR A . n 
A 1 3  ARG 3  30 30 ARG ARG A . n 
A 1 4  ARG 4  31 31 ARG ARG A . n 
A 1 5  ILE 5  32 32 ILE ILE A . n 
A 1 6  LEU 6  33 33 LEU LEU A . n 
A 1 7  GLY 7  34 34 GLY GLY A . n 
A 1 8  LEU 8  35 35 LEU LEU A . n 
A 1 9  ALA 9  36 36 ALA ALA A . n 
A 1 10 ILE 10 37 37 ILE ILE A . n 
A 1 11 GLU 11 38 38 GLU GLU A . n 
A 1 12 SER 12 39 39 SER SER A . n 
A 1 13 GLN 13 40 40 GLN GLN A . n 
A 1 14 ASP 14 41 41 ASP ASP A . n 
A 1 15 ALA 15 42 42 ALA ALA A . n 
A 1 16 GLY 16 43 43 GLY GLY A . n 
A 1 17 ILE 17 44 44 ILE ILE A . n 
A 1 18 LYS 18 45 45 LYS LYS A . n 
A 1 19 THR 19 46 46 THR THR A . n 
A 1 20 ILE 20 47 47 ILE ILE A . n 
A 1 21 THR 21 48 48 THR THR A . n 
A 1 22 MSE 22 49 49 MSE MSE A . n 
A 1 23 LEU 23 50 50 LEU LEU A . n 
A 1 24 ASP 24 51 51 ASP ASP A . n 
A 1 25 GLU 25 52 52 GLU GLU A . n 
A 1 26 GLN 26 53 53 GLN GLN A . n 
A 1 27 LYS 27 54 54 LYS LYS A . n 
A 1 28 GLU 28 55 55 GLU GLU A . n 
A 1 29 GLN 29 56 56 GLN GLN A . n 
A 1 30 LEU 30 57 57 LEU LEU A . n 
A 1 31 ASN 31 58 58 ASN ASN A . n 
A 1 32 ARG 32 59 59 ARG ARG A . n 
A 1 33 ILE 33 60 60 ILE ILE A . n 
A 1 34 GLU 34 61 61 GLU GLU A . n 
A 1 35 GLU 35 62 62 GLU GLU A . n 
A 1 36 GLY 36 63 63 GLY GLY A . n 
A 1 37 LEU 37 64 64 LEU LEU A . n 
A 1 38 ASP 38 65 65 ASP ASP A . n 
A 1 39 GLN 39 66 66 GLN GLN A . n 
A 1 40 ILE 40 67 67 ILE ILE A . n 
A 1 41 ASN 41 68 68 ASN ASN A . n 
A 1 42 LYS 42 69 69 LYS LYS A . n 
A 1 43 ASP 43 70 70 ASP ASP A . n 
A 1 44 MSE 44 71 71 MSE MSE A . n 
A 1 45 ARG 45 72 72 ARG ARG A . n 
A 1 46 GLU 46 73 73 GLU GLU A . n 
A 1 47 THR 47 74 74 THR THR A . n 
A 1 48 GLU 48 75 75 GLU GLU A . n 
A 1 49 LYS 49 76 76 LYS LYS A . n 
A 1 50 THR 50 77 77 THR THR A . n 
A 1 51 LEU 51 78 78 LEU LEU A . n 
A 1 52 THR 52 79 79 THR THR A . n 
A 1 53 GLU 53 80 80 GLU GLU A . n 
A 1 54 LEU 54 81 81 LEU LEU A . n 
# 
loop_
_pdbx_nonpoly_scheme.asym_id 
_pdbx_nonpoly_scheme.entity_id 
_pdbx_nonpoly_scheme.mon_id 
_pdbx_nonpoly_scheme.ndb_seq_num 
_pdbx_nonpoly_scheme.pdb_seq_num 
_pdbx_nonpoly_scheme.auth_seq_num 
_pdbx_nonpoly_scheme.pdb_mon_id 
_pdbx_nonpoly_scheme.auth_mon_id 
_pdbx_nonpoly_scheme.pdb_strand_id 
_pdbx_nonpoly_scheme.pdb_ins_code 
B 2 HOH 1  82  1  HOH WAT A . 
B 2 HOH 2  83  2  HOH WAT A . 
B 2 HOH 3  84  3  HOH WAT A . 
B 2 HOH 4  85  4  HOH WAT A . 
B 2 HOH 5  86  5  HOH WAT A . 
B 2 HOH 6  87  6  HOH WAT A . 
B 2 HOH 7  88  7  HOH WAT A . 
B 2 HOH 8  89  8  HOH WAT A . 
B 2 HOH 9  90  9  HOH WAT A . 
B 2 HOH 10 91  10 HOH WAT A . 
B 2 HOH 11 92  11 HOH WAT A . 
B 2 HOH 12 93  12 HOH WAT A . 
B 2 HOH 13 94  13 HOH WAT A . 
B 2 HOH 14 95  14 HOH WAT A . 
B 2 HOH 15 96  15 HOH WAT A . 
B 2 HOH 16 97  16 HOH WAT A . 
B 2 HOH 17 98  17 HOH WAT A . 
B 2 HOH 18 99  18 HOH WAT A . 
B 2 HOH 19 100 19 HOH WAT A . 
B 2 HOH 20 101 20 HOH WAT A . 
B 2 HOH 21 102 21 HOH WAT A . 
B 2 HOH 22 103 22 HOH WAT A . 
B 2 HOH 23 104 23 HOH WAT A . 
B 2 HOH 24 105 24 HOH WAT A . 
B 2 HOH 25 106 25 HOH WAT A . 
B 2 HOH 26 107 26 HOH WAT A . 
B 2 HOH 27 108 27 HOH WAT A . 
B 2 HOH 28 109 28 HOH WAT A . 
B 2 HOH 29 110 29 HOH WAT A . 
B 2 HOH 30 111 30 HOH WAT A . 
B 2 HOH 31 112 31 HOH WAT A . 
B 2 HOH 32 113 32 HOH WAT A . 
B 2 HOH 33 114 33 HOH WAT A . 
B 2 HOH 34 115 34 HOH WAT A . 
B 2 HOH 35 116 35 HOH WAT A . 
B 2 HOH 36 117 36 HOH WAT A . 
B 2 HOH 37 118 37 HOH WAT A . 
B 2 HOH 38 119 38 HOH WAT A . 
B 2 HOH 39 120 39 HOH WAT A . 
B 2 HOH 40 121 40 HOH WAT A . 
B 2 HOH 41 122 41 HOH WAT A . 
B 2 HOH 42 123 42 HOH WAT A . 
B 2 HOH 43 124 43 HOH WAT A . 
# 
loop_
_pdbx_unobs_or_zero_occ_atoms.id 
_pdbx_unobs_or_zero_occ_atoms.PDB_model_num 
_pdbx_unobs_or_zero_occ_atoms.polymer_flag 
_pdbx_unobs_or_zero_occ_atoms.occupancy_flag 
_pdbx_unobs_or_zero_occ_atoms.auth_asym_id 
_pdbx_unobs_or_zero_occ_atoms.auth_comp_id 
_pdbx_unobs_or_zero_occ_atoms.auth_seq_id 
_pdbx_unobs_or_zero_occ_atoms.PDB_ins_code 
_pdbx_unobs_or_zero_occ_atoms.auth_atom_id 
_pdbx_unobs_or_zero_occ_atoms.label_alt_id 
_pdbx_unobs_or_zero_occ_atoms.label_asym_id 
_pdbx_unobs_or_zero_occ_atoms.label_comp_id 
_pdbx_unobs_or_zero_occ_atoms.label_seq_id 
_pdbx_unobs_or_zero_occ_atoms.label_atom_id 
1  1 Y 0 A LYS 45 ? CE  ? A LYS 18 CE  
2  1 Y 0 A LYS 45 ? NZ  ? A LYS 18 NZ  
3  1 Y 0 A LYS 54 ? CE  ? A LYS 27 CE  
4  1 Y 0 A LYS 54 ? NZ  ? A LYS 27 NZ  
5  1 Y 0 A GLN 66 ? CG  ? A GLN 39 CG  
6  1 Y 0 A GLN 66 ? CD  ? A GLN 39 CD  
7  1 Y 0 A GLN 66 ? OE1 ? A GLN 39 OE1 
8  1 Y 0 A GLN 66 ? NE2 ? A GLN 39 NE2 
9  1 Y 0 A LYS 69 ? CG  ? A LYS 42 CG  
10 1 Y 0 A LYS 69 ? CD  ? A LYS 42 CD  
11 1 Y 0 A LYS 69 ? CE  ? A LYS 42 CE  
12 1 Y 0 A LYS 69 ? NZ  ? A LYS 42 NZ  
13 1 Y 0 A ARG 72 ? CG  ? A ARG 45 CG  
14 1 Y 0 A ARG 72 ? CD  ? A ARG 45 CD  
15 1 Y 0 A ARG 72 ? NE  ? A ARG 45 NE  
16 1 Y 0 A ARG 72 ? CZ  ? A ARG 45 CZ  
17 1 Y 0 A ARG 72 ? NH1 ? A ARG 45 NH1 
18 1 Y 0 A ARG 72 ? NH2 ? A ARG 45 NH2 
19 1 Y 0 A GLU 75 ? CG  ? A GLU 48 CG  
20 1 Y 0 A GLU 75 ? CD  ? A GLU 48 CD  
21 1 Y 0 A GLU 75 ? OE1 ? A GLU 48 OE1 
22 1 Y 0 A GLU 75 ? OE2 ? A GLU 48 OE2 
23 1 Y 0 A LYS 76 ? CG  ? A LYS 49 CG  
24 1 Y 0 A LYS 76 ? CD  ? A LYS 49 CD  
25 1 Y 0 A LYS 76 ? CE  ? A LYS 49 CE  
26 1 Y 0 A LYS 76 ? NZ  ? A LYS 49 NZ  
27 1 Y 0 A LEU 78 ? CG  ? A LEU 51 CG  
28 1 Y 0 A LEU 78 ? CD1 ? A LEU 51 CD1 
29 1 Y 0 A LEU 78 ? CD2 ? A LEU 51 CD2 
30 1 Y 0 A THR 79 ? CB  ? A THR 52 CB  
31 1 Y 0 A THR 79 ? OG1 ? A THR 52 OG1 
32 1 Y 0 A THR 79 ? CG2 ? A THR 52 CG2 
33 1 Y 0 A LEU 81 ? CG  ? A LEU 54 CG  
34 1 Y 0 A LEU 81 ? CD1 ? A LEU 54 CD1 
35 1 Y 0 A LEU 81 ? CD2 ? A LEU 54 CD2 
# 
loop_
_software.name 
_software.classification 
_software.version 
_software.citation_id 
_software.pdbx_ordinal 
HKL-2000  'data collection' . ? 1 
SCALEPACK 'data scaling'    . ? 2 
SOLVE     phasing           . ? 3 
CNS       refinement        . ? 4 
HKL-2000  'data reduction'  . ? 5 
# 
_cell.entry_id           1NHL 
_cell.length_a           34.905 
_cell.length_b           34.905 
_cell.length_c           81.691 
_cell.angle_alpha        90.00 
_cell.angle_beta         90.00 
_cell.angle_gamma        90.00 
_cell.Z_PDB              8 
_cell.pdbx_unique_axis   ? 
_cell.length_a_esd       ? 
_cell.length_b_esd       ? 
_cell.length_c_esd       ? 
_cell.angle_alpha_esd    ? 
_cell.angle_beta_esd     ? 
_cell.angle_gamma_esd    ? 
# 
_symmetry.entry_id                         1NHL 
_symmetry.space_group_name_H-M             'P 4 21 2' 
_symmetry.pdbx_full_space_group_name_H-M   ? 
_symmetry.cell_setting                     ? 
_symmetry.Int_Tables_number                90 
_symmetry.space_group_name_Hall            ? 
# 
_exptl.entry_id          1NHL 
_exptl.method            'X-RAY DIFFRACTION' 
_exptl.crystals_number   1 
# 
_exptl_crystal.id                    1 
_exptl_crystal.density_meas          ? 
_exptl_crystal.density_Matthews      1.97 
_exptl_crystal.density_percent_sol   37.53 
_exptl_crystal.description           ? 
_exptl_crystal.F_000                 ? 
_exptl_crystal.preparation           ? 
# 
_exptl_crystal_grow.crystal_id      1 
_exptl_crystal_grow.method          'VAPOR DIFFUSION, HANGING DROP' 
_exptl_crystal_grow.temp            298 
_exptl_crystal_grow.temp_details    ? 
_exptl_crystal_grow.pH              7.5 
_exptl_crystal_grow.pdbx_details    'HEPES, CALCIUM CHLORIDE, PEG 400, pH 7.5, VAPOR DIFFUSION, HANGING DROP, temperature 298K' 
_exptl_crystal_grow.pdbx_pH_range   . 
# 
_diffrn.id                     1 
_diffrn.ambient_temp           100 
_diffrn.ambient_temp_details   ? 
_diffrn.crystal_id             1 
# 
_diffrn_detector.diffrn_id              1 
_diffrn_detector.detector               CCD 
_diffrn_detector.type                   'ADSC QUANTUM 4' 
_diffrn_detector.pdbx_collection_date   2002-09-02 
_diffrn_detector.details                ? 
# 
_diffrn_radiation.diffrn_id                        1 
_diffrn_radiation.wavelength_id                    1 
_diffrn_radiation.pdbx_monochromatic_or_laue_m_l   M 
_diffrn_radiation.monochromator                    ? 
_diffrn_radiation.pdbx_diffrn_protocol             MAD 
_diffrn_radiation.pdbx_scattering_type             x-ray 
# 
_diffrn_radiation_wavelength.id           1 
_diffrn_radiation_wavelength.wavelength   . 
_diffrn_radiation_wavelength.wt           1.0 
# 
_diffrn_source.diffrn_id                   1 
_diffrn_source.source                      SYNCHROTRON 
_diffrn_source.type                        'NSLS BEAMLINE X12C' 
_diffrn_source.pdbx_synchrotron_site       NSLS 
_diffrn_source.pdbx_synchrotron_beamline   X12C 
_diffrn_source.pdbx_wavelength             ? 
_diffrn_source.pdbx_wavelength_list        ? 
# 
_reflns.entry_id                     1NHL 
_reflns.observed_criterion_sigma_F   0.0 
_reflns.observed_criterion_sigma_I   0.0 
_reflns.d_resolution_high            2.3 
_reflns.d_resolution_low             50.0 
_reflns.number_all                   ? 
_reflns.number_obs                   ? 
_reflns.percent_possible_obs         ? 
_reflns.pdbx_Rmerge_I_obs            ? 
_reflns.pdbx_Rsym_value              ? 
_reflns.pdbx_netI_over_sigmaI        ? 
_reflns.B_iso_Wilson_estimate        ? 
_reflns.pdbx_redundancy              ? 
_reflns.R_free_details               ? 
_reflns.limit_h_max                  ? 
_reflns.limit_h_min                  ? 
_reflns.limit_k_max                  ? 
_reflns.limit_k_min                  ? 
_reflns.limit_l_max                  ? 
_reflns.limit_l_min                  ? 
_reflns.observed_criterion_F_max     ? 
_reflns.observed_criterion_F_min     ? 
_reflns.pdbx_chi_squared             ? 
_reflns.pdbx_scaling_rejects         ? 
_reflns.pdbx_ordinal                 1 
_reflns.pdbx_diffrn_id               1 
# 
_refine.entry_id                                 1NHL 
_refine.ls_d_res_high                            2.3 
_refine.ls_d_res_low                             20.0 
_refine.pdbx_ls_sigma_F                          0.0 
_refine.pdbx_ls_sigma_I                          ? 
_refine.ls_number_reflns_all                     ? 
_refine.ls_number_reflns_obs                     2381 
_refine.ls_number_reflns_R_free                  ? 
_refine.ls_percent_reflns_obs                    ? 
_refine.ls_R_factor_all                          0.281 
_refine.ls_R_factor_obs                          0.277 
_refine.ls_R_factor_R_work                       0.273 
_refine.ls_R_factor_R_free                       0.316 
_refine.ls_redundancy_reflns_obs                 ? 
_refine.pdbx_data_cutoff_high_absF               ? 
_refine.pdbx_data_cutoff_low_absF                ? 
_refine.ls_number_parameters                     ? 
_refine.ls_number_restraints                     ? 
_refine.ls_percent_reflns_R_free                 ? 
_refine.ls_R_factor_R_free_error                 ? 
_refine.ls_R_factor_R_free_error_details         ? 
_refine.pdbx_method_to_determine_struct          MAD 
_refine.pdbx_starting_model                      ? 
_refine.pdbx_ls_cross_valid_method               ? 
_refine.pdbx_R_Free_selection_details            RANDOM 
_refine.pdbx_stereochem_target_val_spec_case     ? 
_refine.pdbx_stereochemistry_target_values       'Engh & Huber' 
_refine.solvent_model_details                    ? 
_refine.solvent_model_param_bsol                 ? 
_refine.solvent_model_param_ksol                 ? 
_refine.occupancy_max                            ? 
_refine.occupancy_min                            ? 
_refine.pdbx_isotropic_thermal_model             ? 
_refine.B_iso_mean                               ? 
_refine.aniso_B[1][1]                            ? 
_refine.aniso_B[1][2]                            ? 
_refine.aniso_B[1][3]                            ? 
_refine.aniso_B[2][2]                            ? 
_refine.aniso_B[2][3]                            ? 
_refine.aniso_B[3][3]                            ? 
_refine.details                                  ? 
_refine.B_iso_min                                ? 
_refine.B_iso_max                                ? 
_refine.correlation_coeff_Fo_to_Fc               ? 
_refine.correlation_coeff_Fo_to_Fc_free          ? 
_refine.pdbx_solvent_vdw_probe_radii             ? 
_refine.pdbx_solvent_ion_probe_radii             ? 
_refine.pdbx_solvent_shrinkage_radii             ? 
_refine.overall_SU_R_Cruickshank_DPI             ? 
_refine.overall_SU_R_free                        ? 
_refine.overall_SU_B                             ? 
_refine.overall_SU_ML                            ? 
_refine.pdbx_overall_ESU_R                       ? 
_refine.pdbx_overall_ESU_R_Free                  ? 
_refine.pdbx_data_cutoff_high_rms_absF           ? 
_refine.pdbx_refine_id                           'X-RAY DIFFRACTION' 
_refine.pdbx_overall_phase_error                 ? 
_refine.ls_wR_factor_R_free                      ? 
_refine.ls_wR_factor_R_work                      ? 
_refine.overall_FOM_free_R_set                   ? 
_refine.overall_FOM_work_R_set                   ? 
_refine.pdbx_diffrn_id                           1 
_refine.pdbx_TLS_residual_ADP_flag               ? 
_refine.pdbx_overall_SU_R_free_Cruickshank_DPI   ? 
_refine.pdbx_overall_SU_R_Blow_DPI               ? 
_refine.pdbx_overall_SU_R_free_Blow_DPI          ? 
# 
_refine_hist.pdbx_refine_id                   'X-RAY DIFFRACTION' 
_refine_hist.cycle_id                         LAST 
_refine_hist.pdbx_number_atoms_protein        433 
_refine_hist.pdbx_number_atoms_nucleic_acid   0 
_refine_hist.pdbx_number_atoms_ligand         0 
_refine_hist.number_atoms_solvent             43 
_refine_hist.number_atoms_total               476 
_refine_hist.d_res_high                       2.3 
_refine_hist.d_res_low                        20.0 
# 
loop_
_refine_ls_restr.type 
_refine_ls_restr.dev_ideal 
_refine_ls_restr.dev_ideal_target 
_refine_ls_restr.weight 
_refine_ls_restr.number 
_refine_ls_restr.pdbx_refine_id 
_refine_ls_restr.pdbx_restraint_function 
r_bond_refined_d    0.005 ? ? ? 'X-RAY DIFFRACTION' ? 
r_angle_refined_deg 1.0   ? ? ? 'X-RAY DIFFRACTION' ? 
# 
_struct.entry_id                  1NHL 
_struct.title                     'SNAP-23N Structure' 
_struct.pdbx_model_details        ? 
_struct.pdbx_CASP_flag            ? 
_struct.pdbx_model_type_details   ? 
# 
_struct_keywords.entry_id        1NHL 
_struct_keywords.pdbx_keywords   'PROTEIN TRANSPORT' 
_struct_keywords.text            'SNARE, COILED-COIL, PROTEIN TRANSPORT' 
# 
loop_
_struct_asym.id 
_struct_asym.pdbx_blank_PDB_chainid_flag 
_struct_asym.pdbx_modified 
_struct_asym.entity_id 
_struct_asym.details 
A N N 1 ? 
B N N 2 ? 
# 
_struct_ref.id                         1 
_struct_ref.db_name                    UNP 
_struct_ref.db_code                    SNP23_HUMAN 
_struct_ref.pdbx_db_accession          O00161 
_struct_ref.entity_id                  1 
_struct_ref.pdbx_seq_one_letter_code   STRRILGLAIESQDAGIKTITMLDEQKEQLNRIEEGLDQINKDMRETEKTLTEL 
_struct_ref.pdbx_align_begin           23 
_struct_ref.pdbx_db_isoform            ? 
# 
_struct_ref_seq.align_id                      1 
_struct_ref_seq.ref_id                        1 
_struct_ref_seq.pdbx_PDB_id_code              1NHL 
_struct_ref_seq.pdbx_strand_id                A 
_struct_ref_seq.seq_align_beg                 1 
_struct_ref_seq.pdbx_seq_align_beg_ins_code   ? 
_struct_ref_seq.seq_align_end                 54 
_struct_ref_seq.pdbx_seq_align_end_ins_code   ? 
_struct_ref_seq.pdbx_db_accession             O00161 
_struct_ref_seq.db_align_beg                  23 
_struct_ref_seq.pdbx_db_align_beg_ins_code    ? 
_struct_ref_seq.db_align_end                  76 
_struct_ref_seq.pdbx_db_align_end_ins_code    ? 
_struct_ref_seq.pdbx_auth_seq_align_beg       28 
_struct_ref_seq.pdbx_auth_seq_align_end       81 
# 
loop_
_struct_ref_seq_dif.align_id 
_struct_ref_seq_dif.pdbx_pdb_id_code 
_struct_ref_seq_dif.mon_id 
_struct_ref_seq_dif.pdbx_pdb_strand_id 
_struct_ref_seq_dif.seq_num 
_struct_ref_seq_dif.pdbx_pdb_ins_code 
_struct_ref_seq_dif.pdbx_seq_db_name 
_struct_ref_seq_dif.pdbx_seq_db_accession_code 
_struct_ref_seq_dif.db_mon_id 
_struct_ref_seq_dif.pdbx_seq_db_seq_num 
_struct_ref_seq_dif.details 
_struct_ref_seq_dif.pdbx_auth_seq_num 
_struct_ref_seq_dif.pdbx_ordinal 
1 1NHL MSE A 22 ? UNP O00161 MET 44 'modified residue' 49 1 
1 1NHL MSE A 44 ? UNP O00161 MET 66 'modified residue' 71 2 
# 
loop_
_pdbx_struct_assembly.id 
_pdbx_struct_assembly.details 
_pdbx_struct_assembly.method_details 
_pdbx_struct_assembly.oligomeric_details 
_pdbx_struct_assembly.oligomeric_count 
1 author_defined_assembly   ?        monomeric  1 
2 software_defined_assembly PISA,PQS tetrameric 4 
# 
loop_
_pdbx_struct_assembly_prop.biol_id 
_pdbx_struct_assembly_prop.type 
_pdbx_struct_assembly_prop.value 
_pdbx_struct_assembly_prop.details 
2 'ABSA (A^2)' 9670  ? 
2 MORE         -78   ? 
2 'SSA (A^2)'  12230 ? 
# 
loop_
_pdbx_struct_assembly_gen.assembly_id 
_pdbx_struct_assembly_gen.oper_expression 
_pdbx_struct_assembly_gen.asym_id_list 
1 1       A,B 
2 1,2,3,4 A,B 
# 
loop_
_pdbx_struct_oper_list.id 
_pdbx_struct_oper_list.type 
_pdbx_struct_oper_list.name 
_pdbx_struct_oper_list.symmetry_operation 
_pdbx_struct_oper_list.matrix[1][1] 
_pdbx_struct_oper_list.matrix[1][2] 
_pdbx_struct_oper_list.matrix[1][3] 
_pdbx_struct_oper_list.vector[1] 
_pdbx_struct_oper_list.matrix[2][1] 
_pdbx_struct_oper_list.matrix[2][2] 
_pdbx_struct_oper_list.matrix[2][3] 
_pdbx_struct_oper_list.vector[2] 
_pdbx_struct_oper_list.matrix[3][1] 
_pdbx_struct_oper_list.matrix[3][2] 
_pdbx_struct_oper_list.matrix[3][3] 
_pdbx_struct_oper_list.vector[3] 
1 'identity operation'         1_555 x,y,z          1.0000000000  0.0000000000  0.0000000000  0.0000000000  0.0000000000  1.0000000000 0.0000000000  0.0000000000  0.0000000000  0.0000000000  1.0000000000  0.0000000000   
2 'crystal symmetry operation' 2_765 -x+2,-y+1,z    -0.1185873340 -0.9850065460 -0.1252962430 -1.0726365368 -0.9850065460 0.1007759852 0.1400225165  0.3576982000  -0.1252962430 0.1400225165  -0.9821886511 -10.3576170139 
3 'crystal symmetry operation' 3_645 -y+3/2,x-1/2,z 0.4407063330  -0.5868731540 0.6792332656  3.3226213387  -0.3981333920 0.5503879926 0.7338684213  3.6674505148  -0.8045295086 -0.5938459049 0.0089056744  -5.4579627917  
4 'crystal symmetry operation' 4_565 y+1/2,-x+3/2,z 0.4407063330  -0.3981333920 -0.8045295086 -4.3952578755 -0.5868731540 0.5503879926 -0.5938459049 -3.3097523148 0.6792332656  0.7338684213  0.0089056744  -4.8996542222 
# 
_struct_biol.id                    1 
_struct_biol.details               'The biological assembly is a tetramer.' 
_struct_biol.pdbx_parent_biol_id   ? 
# 
_struct_conf.conf_type_id            HELX_P 
_struct_conf.id                      HELX_P1 
_struct_conf.pdbx_PDB_helix_id       1 
_struct_conf.beg_label_comp_id       SER 
_struct_conf.beg_label_asym_id       A 
_struct_conf.beg_label_seq_id        1 
_struct_conf.pdbx_beg_PDB_ins_code   ? 
_struct_conf.end_label_comp_id       GLU 
_struct_conf.end_label_asym_id       A 
_struct_conf.end_label_seq_id        53 
_struct_conf.pdbx_end_PDB_ins_code   ? 
_struct_conf.beg_auth_comp_id        SER 
_struct_conf.beg_auth_asym_id        A 
_struct_conf.beg_auth_seq_id         28 
_struct_conf.end_auth_comp_id        GLU 
_struct_conf.end_auth_asym_id        A 
_struct_conf.end_auth_seq_id         80 
_struct_conf.pdbx_PDB_helix_class    1 
_struct_conf.details                 ? 
_struct_conf.pdbx_PDB_helix_length   53 
# 
_struct_conf_type.id          HELX_P 
_struct_conf_type.criteria    ? 
_struct_conf_type.reference   ? 
# 
loop_
_struct_conn.id 
_struct_conn.conn_type_id 
_struct_conn.pdbx_leaving_atom_flag 
_struct_conn.pdbx_PDB_id 
_struct_conn.ptnr1_label_asym_id 
_struct_conn.ptnr1_label_comp_id 
_struct_conn.ptnr1_label_seq_id 
_struct_conn.ptnr1_label_atom_id 
_struct_conn.pdbx_ptnr1_label_alt_id 
_struct_conn.pdbx_ptnr1_PDB_ins_code 
_struct_conn.pdbx_ptnr1_standard_comp_id 
_struct_conn.ptnr1_symmetry 
_struct_conn.ptnr2_label_asym_id 
_struct_conn.ptnr2_label_comp_id 
_struct_conn.ptnr2_label_seq_id 
_struct_conn.ptnr2_label_atom_id 
_struct_conn.pdbx_ptnr2_label_alt_id 
_struct_conn.pdbx_ptnr2_PDB_ins_code 
_struct_conn.ptnr1_auth_asym_id 
_struct_conn.ptnr1_auth_comp_id 
_struct_conn.ptnr1_auth_seq_id 
_struct_conn.ptnr2_auth_asym_id 
_struct_conn.ptnr2_auth_comp_id 
_struct_conn.ptnr2_auth_seq_id 
_struct_conn.ptnr2_symmetry 
_struct_conn.pdbx_ptnr3_label_atom_id 
_struct_conn.pdbx_ptnr3_label_seq_id 
_struct_conn.pdbx_ptnr3_label_comp_id 
_struct_conn.pdbx_ptnr3_label_asym_id 
_struct_conn.pdbx_ptnr3_label_alt_id 
_struct_conn.pdbx_ptnr3_PDB_ins_code 
_struct_conn.details 
_struct_conn.pdbx_dist_value 
_struct_conn.pdbx_value_order 
_struct_conn.pdbx_role 
covale1 covale both ? A THR 21 C ? ? ? 1_555 A MSE 22 N ? ? A THR 48 A MSE 49 1_555 ? ? ? ? ? ? ? 1.326 ? ? 
covale2 covale both ? A MSE 22 C ? ? ? 1_555 A LEU 23 N ? ? A MSE 49 A LEU 50 1_555 ? ? ? ? ? ? ? 1.327 ? ? 
covale3 covale both ? A ASP 43 C ? ? ? 1_555 A MSE 44 N ? ? A ASP 70 A MSE 71 1_555 ? ? ? ? ? ? ? 1.328 ? ? 
covale4 covale both ? A MSE 44 C ? ? ? 1_555 A ARG 45 N ? ? A MSE 71 A ARG 72 1_555 ? ? ? ? ? ? ? 1.326 ? ? 
# 
_struct_conn_type.id          covale 
_struct_conn_type.criteria    ? 
_struct_conn_type.reference   ? 
# 
loop_
_pdbx_modification_feature.ordinal 
_pdbx_modification_feature.label_comp_id 
_pdbx_modification_feature.label_asym_id 
_pdbx_modification_feature.label_seq_id 
_pdbx_modification_feature.label_alt_id 
_pdbx_modification_feature.modified_residue_label_comp_id 
_pdbx_modification_feature.modified_residue_label_asym_id 
_pdbx_modification_feature.modified_residue_label_seq_id 
_pdbx_modification_feature.modified_residue_label_alt_id 
_pdbx_modification_feature.auth_comp_id 
_pdbx_modification_feature.auth_asym_id 
_pdbx_modification_feature.auth_seq_id 
_pdbx_modification_feature.PDB_ins_code 
_pdbx_modification_feature.symmetry 
_pdbx_modification_feature.modified_residue_auth_comp_id 
_pdbx_modification_feature.modified_residue_auth_asym_id 
_pdbx_modification_feature.modified_residue_auth_seq_id 
_pdbx_modification_feature.modified_residue_PDB_ins_code 
_pdbx_modification_feature.modified_residue_symmetry 
_pdbx_modification_feature.comp_id_linking_atom 
_pdbx_modification_feature.modified_residue_id_linking_atom 
_pdbx_modification_feature.modified_residue_id 
_pdbx_modification_feature.ref_pcm_id 
_pdbx_modification_feature.ref_comp_id 
_pdbx_modification_feature.type 
_pdbx_modification_feature.category 
1 MSE A 22 ? . . . . MSE A 49 ? 1_555 . . . . . . . MET 1 MSE Selenomethionine 'Named protein modification' 
2 MSE A 44 ? . . . . MSE A 71 ? 1_555 . . . . . . . MET 1 MSE Selenomethionine 'Named protein modification' 
# 
_pdbx_entry_details.entry_id                   1NHL 
_pdbx_entry_details.compound_details           ? 
_pdbx_entry_details.source_details             ? 
_pdbx_entry_details.nonpolymer_details         ? 
_pdbx_entry_details.sequence_details           ? 
_pdbx_entry_details.has_ligand_of_interest     ? 
_pdbx_entry_details.has_protein_modification   Y 
# 
_pdbx_validate_torsion.id              1 
_pdbx_validate_torsion.PDB_model_num   1 
_pdbx_validate_torsion.auth_comp_id    GLU 
_pdbx_validate_torsion.auth_asym_id    A 
_pdbx_validate_torsion.auth_seq_id     80 
_pdbx_validate_torsion.PDB_ins_code    ? 
_pdbx_validate_torsion.label_alt_id    ? 
_pdbx_validate_torsion.phi             -85.17 
_pdbx_validate_torsion.psi             36.73 
# 
loop_
_pdbx_struct_mod_residue.id 
_pdbx_struct_mod_residue.label_asym_id 
_pdbx_struct_mod_residue.label_comp_id 
_pdbx_struct_mod_residue.label_seq_id 
_pdbx_struct_mod_residue.auth_asym_id 
_pdbx_struct_mod_residue.auth_comp_id 
_pdbx_struct_mod_residue.auth_seq_id 
_pdbx_struct_mod_residue.PDB_ins_code 
_pdbx_struct_mod_residue.parent_comp_id 
_pdbx_struct_mod_residue.details 
1 A MSE 22 A MSE 49 ? MET SELENOMETHIONINE 
2 A MSE 44 A MSE 71 ? MET SELENOMETHIONINE 
# 
loop_
_chem_comp_atom.comp_id 
_chem_comp_atom.atom_id 
_chem_comp_atom.type_symbol 
_chem_comp_atom.pdbx_aromatic_flag 
_chem_comp_atom.pdbx_stereo_config 
_chem_comp_atom.pdbx_ordinal 
ALA N    N  N N 1   
ALA CA   C  N S 2   
ALA C    C  N N 3   
ALA O    O  N N 4   
ALA CB   C  N N 5   
ALA OXT  O  N N 6   
ALA H    H  N N 7   
ALA H2   H  N N 8   
ALA HA   H  N N 9   
ALA HB1  H  N N 10  
ALA HB2  H  N N 11  
ALA HB3  H  N N 12  
ALA HXT  H  N N 13  
ARG N    N  N N 14  
ARG CA   C  N S 15  
ARG C    C  N N 16  
ARG O    O  N N 17  
ARG CB   C  N N 18  
ARG CG   C  N N 19  
ARG CD   C  N N 20  
ARG NE   N  N N 21  
ARG CZ   C  N N 22  
ARG NH1  N  N N 23  
ARG NH2  N  N N 24  
ARG OXT  O  N N 25  
ARG H    H  N N 26  
ARG H2   H  N N 27  
ARG HA   H  N N 28  
ARG HB2  H  N N 29  
ARG HB3  H  N N 30  
ARG HG2  H  N N 31  
ARG HG3  H  N N 32  
ARG HD2  H  N N 33  
ARG HD3  H  N N 34  
ARG HE   H  N N 35  
ARG HH11 H  N N 36  
ARG HH12 H  N N 37  
ARG HH21 H  N N 38  
ARG HH22 H  N N 39  
ARG HXT  H  N N 40  
ASN N    N  N N 41  
ASN CA   C  N S 42  
ASN C    C  N N 43  
ASN O    O  N N 44  
ASN CB   C  N N 45  
ASN CG   C  N N 46  
ASN OD1  O  N N 47  
ASN ND2  N  N N 48  
ASN OXT  O  N N 49  
ASN H    H  N N 50  
ASN H2   H  N N 51  
ASN HA   H  N N 52  
ASN HB2  H  N N 53  
ASN HB3  H  N N 54  
ASN HD21 H  N N 55  
ASN HD22 H  N N 56  
ASN HXT  H  N N 57  
ASP N    N  N N 58  
ASP CA   C  N S 59  
ASP C    C  N N 60  
ASP O    O  N N 61  
ASP CB   C  N N 62  
ASP CG   C  N N 63  
ASP OD1  O  N N 64  
ASP OD2  O  N N 65  
ASP OXT  O  N N 66  
ASP H    H  N N 67  
ASP H2   H  N N 68  
ASP HA   H  N N 69  
ASP HB2  H  N N 70  
ASP HB3  H  N N 71  
ASP HD2  H  N N 72  
ASP HXT  H  N N 73  
GLN N    N  N N 74  
GLN CA   C  N S 75  
GLN C    C  N N 76  
GLN O    O  N N 77  
GLN CB   C  N N 78  
GLN CG   C  N N 79  
GLN CD   C  N N 80  
GLN OE1  O  N N 81  
GLN NE2  N  N N 82  
GLN OXT  O  N N 83  
GLN H    H  N N 84  
GLN H2   H  N N 85  
GLN HA   H  N N 86  
GLN HB2  H  N N 87  
GLN HB3  H  N N 88  
GLN HG2  H  N N 89  
GLN HG3  H  N N 90  
GLN HE21 H  N N 91  
GLN HE22 H  N N 92  
GLN HXT  H  N N 93  
GLU N    N  N N 94  
GLU CA   C  N S 95  
GLU C    C  N N 96  
GLU O    O  N N 97  
GLU CB   C  N N 98  
GLU CG   C  N N 99  
GLU CD   C  N N 100 
GLU OE1  O  N N 101 
GLU OE2  O  N N 102 
GLU OXT  O  N N 103 
GLU H    H  N N 104 
GLU H2   H  N N 105 
GLU HA   H  N N 106 
GLU HB2  H  N N 107 
GLU HB3  H  N N 108 
GLU HG2  H  N N 109 
GLU HG3  H  N N 110 
GLU HE2  H  N N 111 
GLU HXT  H  N N 112 
GLY N    N  N N 113 
GLY CA   C  N N 114 
GLY C    C  N N 115 
GLY O    O  N N 116 
GLY OXT  O  N N 117 
GLY H    H  N N 118 
GLY H2   H  N N 119 
GLY HA2  H  N N 120 
GLY HA3  H  N N 121 
GLY HXT  H  N N 122 
HOH O    O  N N 123 
HOH H1   H  N N 124 
HOH H2   H  N N 125 
ILE N    N  N N 126 
ILE CA   C  N S 127 
ILE C    C  N N 128 
ILE O    O  N N 129 
ILE CB   C  N S 130 
ILE CG1  C  N N 131 
ILE CG2  C  N N 132 
ILE CD1  C  N N 133 
ILE OXT  O  N N 134 
ILE H    H  N N 135 
ILE H2   H  N N 136 
ILE HA   H  N N 137 
ILE HB   H  N N 138 
ILE HG12 H  N N 139 
ILE HG13 H  N N 140 
ILE HG21 H  N N 141 
ILE HG22 H  N N 142 
ILE HG23 H  N N 143 
ILE HD11 H  N N 144 
ILE HD12 H  N N 145 
ILE HD13 H  N N 146 
ILE HXT  H  N N 147 
LEU N    N  N N 148 
LEU CA   C  N S 149 
LEU C    C  N N 150 
LEU O    O  N N 151 
LEU CB   C  N N 152 
LEU CG   C  N N 153 
LEU CD1  C  N N 154 
LEU CD2  C  N N 155 
LEU OXT  O  N N 156 
LEU H    H  N N 157 
LEU H2   H  N N 158 
LEU HA   H  N N 159 
LEU HB2  H  N N 160 
LEU HB3  H  N N 161 
LEU HG   H  N N 162 
LEU HD11 H  N N 163 
LEU HD12 H  N N 164 
LEU HD13 H  N N 165 
LEU HD21 H  N N 166 
LEU HD22 H  N N 167 
LEU HD23 H  N N 168 
LEU HXT  H  N N 169 
LYS N    N  N N 170 
LYS CA   C  N S 171 
LYS C    C  N N 172 
LYS O    O  N N 173 
LYS CB   C  N N 174 
LYS CG   C  N N 175 
LYS CD   C  N N 176 
LYS CE   C  N N 177 
LYS NZ   N  N N 178 
LYS OXT  O  N N 179 
LYS H    H  N N 180 
LYS H2   H  N N 181 
LYS HA   H  N N 182 
LYS HB2  H  N N 183 
LYS HB3  H  N N 184 
LYS HG2  H  N N 185 
LYS HG3  H  N N 186 
LYS HD2  H  N N 187 
LYS HD3  H  N N 188 
LYS HE2  H  N N 189 
LYS HE3  H  N N 190 
LYS HZ1  H  N N 191 
LYS HZ2  H  N N 192 
LYS HZ3  H  N N 193 
LYS HXT  H  N N 194 
MET N    N  N N 195 
MET CA   C  N S 196 
MET C    C  N N 197 
MET O    O  N N 198 
MET CB   C  N N 199 
MET CG   C  N N 200 
MET SD   S  N N 201 
MET CE   C  N N 202 
MET OXT  O  N N 203 
MET H    H  N N 204 
MET H2   H  N N 205 
MET HA   H  N N 206 
MET HB2  H  N N 207 
MET HB3  H  N N 208 
MET HG2  H  N N 209 
MET HG3  H  N N 210 
MET HE1  H  N N 211 
MET HE2  H  N N 212 
MET HE3  H  N N 213 
MET HXT  H  N N 214 
MSE N    N  N N 215 
MSE CA   C  N S 216 
MSE C    C  N N 217 
MSE O    O  N N 218 
MSE OXT  O  N N 219 
MSE CB   C  N N 220 
MSE CG   C  N N 221 
MSE SE   SE N N 222 
MSE CE   C  N N 223 
MSE H    H  N N 224 
MSE H2   H  N N 225 
MSE HA   H  N N 226 
MSE HXT  H  N N 227 
MSE HB2  H  N N 228 
MSE HB3  H  N N 229 
MSE HG2  H  N N 230 
MSE HG3  H  N N 231 
MSE HE1  H  N N 232 
MSE HE2  H  N N 233 
MSE HE3  H  N N 234 
SER N    N  N N 235 
SER CA   C  N S 236 
SER C    C  N N 237 
SER O    O  N N 238 
SER CB   C  N N 239 
SER OG   O  N N 240 
SER OXT  O  N N 241 
SER H    H  N N 242 
SER H2   H  N N 243 
SER HA   H  N N 244 
SER HB2  H  N N 245 
SER HB3  H  N N 246 
SER HG   H  N N 247 
SER HXT  H  N N 248 
THR N    N  N N 249 
THR CA   C  N S 250 
THR C    C  N N 251 
THR O    O  N N 252 
THR CB   C  N R 253 
THR OG1  O  N N 254 
THR CG2  C  N N 255 
THR OXT  O  N N 256 
THR H    H  N N 257 
THR H2   H  N N 258 
THR HA   H  N N 259 
THR HB   H  N N 260 
THR HG1  H  N N 261 
THR HG21 H  N N 262 
THR HG22 H  N N 263 
THR HG23 H  N N 264 
THR HXT  H  N N 265 
# 
loop_
_chem_comp_bond.comp_id 
_chem_comp_bond.atom_id_1 
_chem_comp_bond.atom_id_2 
_chem_comp_bond.value_order 
_chem_comp_bond.pdbx_aromatic_flag 
_chem_comp_bond.pdbx_stereo_config 
_chem_comp_bond.pdbx_ordinal 
ALA N   CA   sing N N 1   
ALA N   H    sing N N 2   
ALA N   H2   sing N N 3   
ALA CA  C    sing N N 4   
ALA CA  CB   sing N N 5   
ALA CA  HA   sing N N 6   
ALA C   O    doub N N 7   
ALA C   OXT  sing N N 8   
ALA CB  HB1  sing N N 9   
ALA CB  HB2  sing N N 10  
ALA CB  HB3  sing N N 11  
ALA OXT HXT  sing N N 12  
ARG N   CA   sing N N 13  
ARG N   H    sing N N 14  
ARG N   H2   sing N N 15  
ARG CA  C    sing N N 16  
ARG CA  CB   sing N N 17  
ARG CA  HA   sing N N 18  
ARG C   O    doub N N 19  
ARG C   OXT  sing N N 20  
ARG CB  CG   sing N N 21  
ARG CB  HB2  sing N N 22  
ARG CB  HB3  sing N N 23  
ARG CG  CD   sing N N 24  
ARG CG  HG2  sing N N 25  
ARG CG  HG3  sing N N 26  
ARG CD  NE   sing N N 27  
ARG CD  HD2  sing N N 28  
ARG CD  HD3  sing N N 29  
ARG NE  CZ   sing N N 30  
ARG NE  HE   sing N N 31  
ARG CZ  NH1  sing N N 32  
ARG CZ  NH2  doub N N 33  
ARG NH1 HH11 sing N N 34  
ARG NH1 HH12 sing N N 35  
ARG NH2 HH21 sing N N 36  
ARG NH2 HH22 sing N N 37  
ARG OXT HXT  sing N N 38  
ASN N   CA   sing N N 39  
ASN N   H    sing N N 40  
ASN N   H2   sing N N 41  
ASN CA  C    sing N N 42  
ASN CA  CB   sing N N 43  
ASN CA  HA   sing N N 44  
ASN C   O    doub N N 45  
ASN C   OXT  sing N N 46  
ASN CB  CG   sing N N 47  
ASN CB  HB2  sing N N 48  
ASN CB  HB3  sing N N 49  
ASN CG  OD1  doub N N 50  
ASN CG  ND2  sing N N 51  
ASN ND2 HD21 sing N N 52  
ASN ND2 HD22 sing N N 53  
ASN OXT HXT  sing N N 54  
ASP N   CA   sing N N 55  
ASP N   H    sing N N 56  
ASP N   H2   sing N N 57  
ASP CA  C    sing N N 58  
ASP CA  CB   sing N N 59  
ASP CA  HA   sing N N 60  
ASP C   O    doub N N 61  
ASP C   OXT  sing N N 62  
ASP CB  CG   sing N N 63  
ASP CB  HB2  sing N N 64  
ASP CB  HB3  sing N N 65  
ASP CG  OD1  doub N N 66  
ASP CG  OD2  sing N N 67  
ASP OD2 HD2  sing N N 68  
ASP OXT HXT  sing N N 69  
GLN N   CA   sing N N 70  
GLN N   H    sing N N 71  
GLN N   H2   sing N N 72  
GLN CA  C    sing N N 73  
GLN CA  CB   sing N N 74  
GLN CA  HA   sing N N 75  
GLN C   O    doub N N 76  
GLN C   OXT  sing N N 77  
GLN CB  CG   sing N N 78  
GLN CB  HB2  sing N N 79  
GLN CB  HB3  sing N N 80  
GLN CG  CD   sing N N 81  
GLN CG  HG2  sing N N 82  
GLN CG  HG3  sing N N 83  
GLN CD  OE1  doub N N 84  
GLN CD  NE2  sing N N 85  
GLN NE2 HE21 sing N N 86  
GLN NE2 HE22 sing N N 87  
GLN OXT HXT  sing N N 88  
GLU N   CA   sing N N 89  
GLU N   H    sing N N 90  
GLU N   H2   sing N N 91  
GLU CA  C    sing N N 92  
GLU CA  CB   sing N N 93  
GLU CA  HA   sing N N 94  
GLU C   O    doub N N 95  
GLU C   OXT  sing N N 96  
GLU CB  CG   sing N N 97  
GLU CB  HB2  sing N N 98  
GLU CB  HB3  sing N N 99  
GLU CG  CD   sing N N 100 
GLU CG  HG2  sing N N 101 
GLU CG  HG3  sing N N 102 
GLU CD  OE1  doub N N 103 
GLU CD  OE2  sing N N 104 
GLU OE2 HE2  sing N N 105 
GLU OXT HXT  sing N N 106 
GLY N   CA   sing N N 107 
GLY N   H    sing N N 108 
GLY N   H2   sing N N 109 
GLY CA  C    sing N N 110 
GLY CA  HA2  sing N N 111 
GLY CA  HA3  sing N N 112 
GLY C   O    doub N N 113 
GLY C   OXT  sing N N 114 
GLY OXT HXT  sing N N 115 
HOH O   H1   sing N N 116 
HOH O   H2   sing N N 117 
ILE N   CA   sing N N 118 
ILE N   H    sing N N 119 
ILE N   H2   sing N N 120 
ILE CA  C    sing N N 121 
ILE CA  CB   sing N N 122 
ILE CA  HA   sing N N 123 
ILE C   O    doub N N 124 
ILE C   OXT  sing N N 125 
ILE CB  CG1  sing N N 126 
ILE CB  CG2  sing N N 127 
ILE CB  HB   sing N N 128 
ILE CG1 CD1  sing N N 129 
ILE CG1 HG12 sing N N 130 
ILE CG1 HG13 sing N N 131 
ILE CG2 HG21 sing N N 132 
ILE CG2 HG22 sing N N 133 
ILE CG2 HG23 sing N N 134 
ILE CD1 HD11 sing N N 135 
ILE CD1 HD12 sing N N 136 
ILE CD1 HD13 sing N N 137 
ILE OXT HXT  sing N N 138 
LEU N   CA   sing N N 139 
LEU N   H    sing N N 140 
LEU N   H2   sing N N 141 
LEU CA  C    sing N N 142 
LEU CA  CB   sing N N 143 
LEU CA  HA   sing N N 144 
LEU C   O    doub N N 145 
LEU C   OXT  sing N N 146 
LEU CB  CG   sing N N 147 
LEU CB  HB2  sing N N 148 
LEU CB  HB3  sing N N 149 
LEU CG  CD1  sing N N 150 
LEU CG  CD2  sing N N 151 
LEU CG  HG   sing N N 152 
LEU CD1 HD11 sing N N 153 
LEU CD1 HD12 sing N N 154 
LEU CD1 HD13 sing N N 155 
LEU CD2 HD21 sing N N 156 
LEU CD2 HD22 sing N N 157 
LEU CD2 HD23 sing N N 158 
LEU OXT HXT  sing N N 159 
LYS N   CA   sing N N 160 
LYS N   H    sing N N 161 
LYS N   H2   sing N N 162 
LYS CA  C    sing N N 163 
LYS CA  CB   sing N N 164 
LYS CA  HA   sing N N 165 
LYS C   O    doub N N 166 
LYS C   OXT  sing N N 167 
LYS CB  CG   sing N N 168 
LYS CB  HB2  sing N N 169 
LYS CB  HB3  sing N N 170 
LYS CG  CD   sing N N 171 
LYS CG  HG2  sing N N 172 
LYS CG  HG3  sing N N 173 
LYS CD  CE   sing N N 174 
LYS CD  HD2  sing N N 175 
LYS CD  HD3  sing N N 176 
LYS CE  NZ   sing N N 177 
LYS CE  HE2  sing N N 178 
LYS CE  HE3  sing N N 179 
LYS NZ  HZ1  sing N N 180 
LYS NZ  HZ2  sing N N 181 
LYS NZ  HZ3  sing N N 182 
LYS OXT HXT  sing N N 183 
MET N   CA   sing N N 184 
MET N   H    sing N N 185 
MET N   H2   sing N N 186 
MET CA  C    sing N N 187 
MET CA  CB   sing N N 188 
MET CA  HA   sing N N 189 
MET C   O    doub N N 190 
MET C   OXT  sing N N 191 
MET CB  CG   sing N N 192 
MET CB  HB2  sing N N 193 
MET CB  HB3  sing N N 194 
MET CG  SD   sing N N 195 
MET CG  HG2  sing N N 196 
MET CG  HG3  sing N N 197 
MET SD  CE   sing N N 198 
MET CE  HE1  sing N N 199 
MET CE  HE2  sing N N 200 
MET CE  HE3  sing N N 201 
MET OXT HXT  sing N N 202 
MSE N   CA   sing N N 203 
MSE N   H    sing N N 204 
MSE N   H2   sing N N 205 
MSE CA  C    sing N N 206 
MSE CA  CB   sing N N 207 
MSE CA  HA   sing N N 208 
MSE C   O    doub N N 209 
MSE C   OXT  sing N N 210 
MSE OXT HXT  sing N N 211 
MSE CB  CG   sing N N 212 
MSE CB  HB2  sing N N 213 
MSE CB  HB3  sing N N 214 
MSE CG  SE   sing N N 215 
MSE CG  HG2  sing N N 216 
MSE CG  HG3  sing N N 217 
MSE SE  CE   sing N N 218 
MSE CE  HE1  sing N N 219 
MSE CE  HE2  sing N N 220 
MSE CE  HE3  sing N N 221 
SER N   CA   sing N N 222 
SER N   H    sing N N 223 
SER N   H2   sing N N 224 
SER CA  C    sing N N 225 
SER CA  CB   sing N N 226 
SER CA  HA   sing N N 227 
SER C   O    doub N N 228 
SER C   OXT  sing N N 229 
SER CB  OG   sing N N 230 
SER CB  HB2  sing N N 231 
SER CB  HB3  sing N N 232 
SER OG  HG   sing N N 233 
SER OXT HXT  sing N N 234 
THR N   CA   sing N N 235 
THR N   H    sing N N 236 
THR N   H2   sing N N 237 
THR CA  C    sing N N 238 
THR CA  CB   sing N N 239 
THR CA  HA   sing N N 240 
THR C   O    doub N N 241 
THR C   OXT  sing N N 242 
THR CB  OG1  sing N N 243 
THR CB  CG2  sing N N 244 
THR CB  HB   sing N N 245 
THR OG1 HG1  sing N N 246 
THR CG2 HG21 sing N N 247 
THR CG2 HG22 sing N N 248 
THR CG2 HG23 sing N N 249 
THR OXT HXT  sing N N 250 
# 
_atom_sites.entry_id                    1NHL 
_atom_sites.fract_transf_matrix[1][1]   0.01411899 
_atom_sites.fract_transf_matrix[1][2]   0.01515206 
_atom_sites.fract_transf_matrix[1][3]   -0.01979481 
_atom_sites.fract_transf_matrix[2][1]   -0.01611530 
_atom_sites.fract_transf_matrix[2][2]   -0.01180852 
_atom_sites.fract_transf_matrix[2][3]   -0.02053342 
_atom_sites.fract_transf_matrix[3][1]   -0.00812628 
_atom_sites.fract_transf_matrix[3][2]   0.00908137 
_atom_sites.fract_transf_matrix[3][3]   0.00115518 
_atom_sites.fract_transf_vector[1]      0.902342 
_atom_sites.fract_transf_vector[2]      0.387127 
_atom_sites.fract_transf_vector[3]      0.269336 
# 
loop_
_atom_type.symbol 
C  
N  
O  
SE 
# 
loop_
_atom_site.group_PDB 
_atom_site.id 
_atom_site.type_symbol 
_atom_site.label_atom_id 
_atom_site.label_alt_id 
_atom_site.label_comp_id 
_atom_site.label_asym_id 
_atom_site.label_entity_id 
_atom_site.label_seq_id 
_atom_site.pdbx_PDB_ins_code 
_atom_site.Cartn_x 
_atom_site.Cartn_y 
_atom_site.Cartn_z 
_atom_site.occupancy 
_atom_site.B_iso_or_equiv 
_atom_site.pdbx_formal_charge 
_atom_site.auth_seq_id 
_atom_site.auth_comp_id 
_atom_site.auth_asym_id 
_atom_site.auth_atom_id 
_atom_site.pdbx_PDB_model_num 
ATOM   1   N  N   . SER A 1 1  ? -32.004 24.318  -2.357  1.00 29.77 ? 28  SER A N   1 
ATOM   2   C  CA  . SER A 1 1  ? -31.033 23.209  -2.579  1.00 28.92 ? 28  SER A CA  1 
ATOM   3   C  C   . SER A 1 1  ? -29.808 23.316  -1.665  1.00 27.08 ? 28  SER A C   1 
ATOM   4   O  O   . SER A 1 1  ? -28.955 22.424  -1.652  1.00 23.76 ? 28  SER A O   1 
ATOM   5   C  CB  . SER A 1 1  ? -30.597 23.196  -4.042  1.00 30.39 ? 28  SER A CB  1 
ATOM   6   O  OG  . SER A 1 1  ? -31.733 23.142  -4.891  1.00 34.37 ? 28  SER A OG  1 
ATOM   7   N  N   . THR A 1 2  ? -29.719 24.406  -0.904  1.00 24.45 ? 29  THR A N   1 
ATOM   8   C  CA  . THR A 1 2  ? -28.602 24.572  0.011   1.00 25.03 ? 29  THR A CA  1 
ATOM   9   C  C   . THR A 1 2  ? -28.628 23.422  1.017   1.00 24.73 ? 29  THR A C   1 
ATOM   10  O  O   . THR A 1 2  ? -27.582 22.930  1.455   1.00 23.12 ? 29  THR A O   1 
ATOM   11  C  CB  . THR A 1 2  ? -28.669 25.918  0.753   1.00 27.32 ? 29  THR A CB  1 
ATOM   12  O  OG1 . THR A 1 2  ? -29.959 26.076  1.349   1.00 32.16 ? 29  THR A OG1 1 
ATOM   13  C  CG2 . THR A 1 2  ? -28.404 27.072  -0.211  1.00 26.21 ? 29  THR A CG2 1 
ATOM   14  N  N   . ARG A 1 3  ? -29.832 22.973  1.355   1.00 24.20 ? 30  ARG A N   1 
ATOM   15  C  CA  . ARG A 1 3  ? -29.982 21.863  2.280   1.00 21.75 ? 30  ARG A CA  1 
ATOM   16  C  C   . ARG A 1 3  ? -29.468 20.595  1.616   1.00 19.46 ? 30  ARG A C   1 
ATOM   17  O  O   . ARG A 1 3  ? -28.841 19.760  2.263   1.00 19.98 ? 30  ARG A O   1 
ATOM   18  C  CB  . ARG A 1 3  ? -31.451 21.697  2.679   1.00 26.37 ? 30  ARG A CB  1 
ATOM   19  C  CG  . ARG A 1 3  ? -31.696 20.653  3.757   1.00 30.32 ? 30  ARG A CG  1 
ATOM   20  C  CD  . ARG A 1 3  ? -31.860 19.273  3.165   1.00 34.18 ? 30  ARG A CD  1 
ATOM   21  N  NE  . ARG A 1 3  ? -33.062 19.193  2.340   1.00 36.84 ? 30  ARG A NE  1 
ATOM   22  C  CZ  . ARG A 1 3  ? -33.413 18.124  1.633   1.00 38.23 ? 30  ARG A CZ  1 
ATOM   23  N  NH1 . ARG A 1 3  ? -34.523 18.143  0.911   1.00 37.32 ? 30  ARG A NH1 1 
ATOM   24  N  NH2 . ARG A 1 3  ? -32.653 17.037  1.644   1.00 38.47 ? 30  ARG A NH2 1 
ATOM   25  N  N   . ARG A 1 4  ? -29.727 20.434  0.321   1.00 17.46 ? 31  ARG A N   1 
ATOM   26  C  CA  . ARG A 1 4  ? -29.229 19.237  -0.354  1.00 15.58 ? 31  ARG A CA  1 
ATOM   27  C  C   . ARG A 1 4  ? -27.721 19.354  -0.476  1.00 13.73 ? 31  ARG A C   1 
ATOM   28  O  O   . ARG A 1 4  ? -26.994 18.419  -0.168  1.00 15.39 ? 31  ARG A O   1 
ATOM   29  C  CB  . ARG A 1 4  ? -29.852 19.065  -1.737  1.00 14.89 ? 31  ARG A CB  1 
ATOM   30  C  CG  . ARG A 1 4  ? -31.278 18.573  -1.711  1.00 16.37 ? 31  ARG A CG  1 
ATOM   31  C  CD  . ARG A 1 4  ? -31.770 18.261  -3.121  1.00 13.98 ? 31  ARG A CD  1 
ATOM   32  N  NE  . ARG A 1 4  ? -31.081 17.104  -3.690  1.00 14.92 ? 31  ARG A NE  1 
ATOM   33  C  CZ  . ARG A 1 4  ? -31.209 16.702  -4.955  1.00 14.97 ? 31  ARG A CZ  1 
ATOM   34  N  NH1 . ARG A 1 4  ? -32.004 17.365  -5.789  1.00 13.28 ? 31  ARG A NH1 1 
ATOM   35  N  NH2 . ARG A 1 4  ? -30.546 15.638  -5.385  1.00 11.88 ? 31  ARG A NH2 1 
ATOM   36  N  N   . ILE A 1 5  ? -27.258 20.518  -0.915  1.00 14.75 ? 32  ILE A N   1 
ATOM   37  C  CA  . ILE A 1 5  ? -25.829 20.775  -1.048  1.00 12.89 ? 32  ILE A CA  1 
ATOM   38  C  C   . ILE A 1 5  ? -25.126 20.477  0.269   1.00 10.39 ? 32  ILE A C   1 
ATOM   39  O  O   . ILE A 1 5  ? -24.066 19.861  0.279   1.00 11.13 ? 32  ILE A O   1 
ATOM   40  C  CB  . ILE A 1 5  ? -25.562 22.249  -1.473  1.00 13.24 ? 32  ILE A CB  1 
ATOM   41  C  CG1 . ILE A 1 5  ? -26.113 22.484  -2.884  1.00 12.80 ? 32  ILE A CG1 1 
ATOM   42  C  CG2 . ILE A 1 5  ? -24.065 22.539  -1.490  1.00 11.72 ? 32  ILE A CG2 1 
ATOM   43  C  CD1 . ILE A 1 5  ? -26.012 23.935  -3.351  1.00 12.99 ? 32  ILE A CD1 1 
ATOM   44  N  N   . LEU A 1 6  ? -25.723 20.886  1.385   1.00 11.39 ? 33  LEU A N   1 
ATOM   45  C  CA  . LEU A 1 6  ? -25.113 20.631  2.696   1.00 11.39 ? 33  LEU A CA  1 
ATOM   46  C  C   . LEU A 1 6  ? -25.038 19.146  2.994   1.00 11.72 ? 33  LEU A C   1 
ATOM   47  O  O   . LEU A 1 6  ? -24.010 18.657  3.466   1.00 13.95 ? 33  LEU A O   1 
ATOM   48  C  CB  . LEU A 1 6  ? -25.892 21.323  3.813   1.00 11.65 ? 33  LEU A CB  1 
ATOM   49  C  CG  . LEU A 1 6  ? -25.394 21.053  5.244   1.00 15.11 ? 33  LEU A CG  1 
ATOM   50  C  CD1 . LEU A 1 6  ? -23.948 21.544  5.438   1.00 14.38 ? 33  LEU A CD1 1 
ATOM   51  C  CD2 . LEU A 1 6  ? -26.311 21.762  6.229   1.00 14.60 ? 33  LEU A CD2 1 
ATOM   52  N  N   . GLY A 1 7  ? -26.123 18.429  2.705   1.00 12.22 ? 34  GLY A N   1 
ATOM   53  C  CA  . GLY A 1 7  ? -26.155 16.994  2.957   1.00 8.09  ? 34  GLY A CA  1 
ATOM   54  C  C   . GLY A 1 7  ? -25.073 16.298  2.166   1.00 10.10 ? 34  GLY A C   1 
ATOM   55  O  O   . GLY A 1 7  ? -24.355 15.449  2.688   1.00 10.58 ? 34  GLY A O   1 
ATOM   56  N  N   . LEU A 1 8  ? -24.942 16.672  0.897   1.00 10.28 ? 35  LEU A N   1 
ATOM   57  C  CA  . LEU A 1 8  ? -23.932 16.070  0.030   1.00 10.26 ? 35  LEU A CA  1 
ATOM   58  C  C   . LEU A 1 8  ? -22.496 16.362  0.464   1.00 9.99  ? 35  LEU A C   1 
ATOM   59  O  O   . LEU A 1 8  ? -21.629 15.493  0.387   1.00 9.10  ? 35  LEU A O   1 
ATOM   60  C  CB  . LEU A 1 8  ? -24.146 16.531  -1.413  1.00 11.56 ? 35  LEU A CB  1 
ATOM   61  C  CG  . LEU A 1 8  ? -25.314 15.784  -2.059  1.00 13.38 ? 35  LEU A CG  1 
ATOM   62  C  CD1 . LEU A 1 8  ? -25.561 16.298  -3.466  1.00 14.65 ? 35  LEU A CD1 1 
ATOM   63  C  CD2 . LEU A 1 8  ? -24.992 14.279  -2.102  1.00 12.45 ? 35  LEU A CD2 1 
ATOM   64  N  N   . ALA A 1 9  ? -22.245 17.587  0.911   1.00 9.89  ? 36  ALA A N   1 
ATOM   65  C  CA  . ALA A 1 9  ? -20.916 17.965  1.368   1.00 12.02 ? 36  ALA A CA  1 
ATOM   66  C  C   . ALA A 1 9  ? -20.538 17.078  2.558   1.00 14.95 ? 36  ALA A C   1 
ATOM   67  O  O   . ALA A 1 9  ? -19.421 16.579  2.649   1.00 15.42 ? 36  ALA A O   1 
ATOM   68  C  CB  . ALA A 1 9  ? -20.901 19.429  1.773   1.00 11.63 ? 36  ALA A CB  1 
ATOM   69  N  N   . ILE A 1 10 ? -21.481 16.868  3.466   1.00 18.00 ? 37  ILE A N   1 
ATOM   70  C  CA  . ILE A 1 10 ? -21.226 16.023  4.624   1.00 18.34 ? 37  ILE A CA  1 
ATOM   71  C  C   . ILE A 1 10 ? -20.913 14.592  4.188   1.00 18.42 ? 37  ILE A C   1 
ATOM   72  O  O   . ILE A 1 10 ? -19.964 13.977  4.676   1.00 19.63 ? 37  ILE A O   1 
ATOM   73  C  CB  . ILE A 1 10 ? -22.432 16.048  5.588   1.00 21.51 ? 37  ILE A CB  1 
ATOM   74  C  CG1 . ILE A 1 10 ? -22.589 17.473  6.148   1.00 23.06 ? 37  ILE A CG1 1 
ATOM   75  C  CG2 . ILE A 1 10 ? -22.231 15.039  6.721   1.00 22.55 ? 37  ILE A CG2 1 
ATOM   76  C  CD1 . ILE A 1 10 ? -23.773 17.676  7.079   1.00 23.14 ? 37  ILE A CD1 1 
ATOM   77  N  N   . GLU A 1 11 ? -21.686 14.069  3.246   1.00 18.79 ? 38  GLU A N   1 
ATOM   78  C  CA  . GLU A 1 11 ? -21.456 12.711  2.760   1.00 18.83 ? 38  GLU A CA  1 
ATOM   79  C  C   . GLU A 1 11 ? -20.126 12.592  2.011   1.00 18.30 ? 38  GLU A C   1 
ATOM   80  O  O   . GLU A 1 11 ? -19.409 11.597  2.148   1.00 17.80 ? 38  GLU A O   1 
ATOM   81  C  CB  . GLU A 1 11 ? -22.644 12.264  1.890   1.00 21.55 ? 38  GLU A CB  1 
ATOM   82  C  CG  . GLU A 1 11 ? -23.933 12.153  2.725   1.00 27.68 ? 38  GLU A CG  1 
ATOM   83  C  CD  . GLU A 1 11 ? -25.161 11.656  1.961   1.00 33.84 ? 38  GLU A CD  1 
ATOM   84  O  OE1 . GLU A 1 11 ? -26.188 11.387  2.632   1.00 35.84 ? 38  GLU A OE1 1 
ATOM   85  O  OE2 . GLU A 1 11 ? -25.120 11.539  0.713   1.00 35.40 ? 38  GLU A OE2 1 
ATOM   86  N  N   . SER A 1 12 ? -19.781 13.619  1.240   1.00 19.16 ? 39  SER A N   1 
ATOM   87  C  CA  . SER A 1 12 ? -18.530 13.625  0.487   1.00 18.71 ? 39  SER A CA  1 
ATOM   88  C  C   . SER A 1 12 ? -17.324 13.591  1.428   1.00 20.00 ? 39  SER A C   1 
ATOM   89  O  O   . SER A 1 12 ? -16.282 13.020  1.105   1.00 20.54 ? 39  SER A O   1 
ATOM   90  C  CB  . SER A 1 12 ? -18.465 14.873  -0.390  1.00 20.18 ? 39  SER A CB  1 
ATOM   91  O  OG  . SER A 1 12 ? -17.200 14.998  -1.007  1.00 22.64 ? 39  SER A OG  1 
ATOM   92  N  N   . GLN A 1 13 ? -17.466 14.212  2.594   1.00 18.67 ? 40  GLN A N   1 
ATOM   93  C  CA  . GLN A 1 13 ? -16.393 14.224  3.574   1.00 17.02 ? 40  GLN A CA  1 
ATOM   94  C  C   . GLN A 1 13 ? -16.134 12.802  4.083   1.00 17.44 ? 40  GLN A C   1 
ATOM   95  O  O   . GLN A 1 13 ? -14.984 12.396  4.235   1.00 18.33 ? 40  GLN A O   1 
ATOM   96  C  CB  . GLN A 1 13 ? -16.765 15.153  4.729   1.00 17.04 ? 40  GLN A CB  1 
ATOM   97  C  CG  . GLN A 1 13 ? -15.824 15.137  5.924   1.00 14.22 ? 40  GLN A CG  1 
ATOM   98  C  CD  . GLN A 1 13 ? -16.304 16.065  7.018   1.00 18.06 ? 40  GLN A CD  1 
ATOM   99  O  OE1 . GLN A 1 13 ? -17.477 16.032  7.397   1.00 19.71 ? 40  GLN A OE1 1 
ATOM   100 N  NE2 . GLN A 1 13 ? -15.406 16.904  7.532   1.00 22.62 ? 40  GLN A NE2 1 
ATOM   101 N  N   . ASP A 1 14 ? -17.199 12.055  4.349   1.00 17.27 ? 41  ASP A N   1 
ATOM   102 C  CA  . ASP A 1 14 ? -17.069 10.678  4.822   1.00 19.15 ? 41  ASP A CA  1 
ATOM   103 C  C   . ASP A 1 14 ? -16.404 9.855   3.711   1.00 18.19 ? 41  ASP A C   1 
ATOM   104 O  O   . ASP A 1 14 ? -15.624 8.942   3.976   1.00 19.52 ? 41  ASP A O   1 
ATOM   105 C  CB  . ASP A 1 14 ? -18.452 10.095  5.153   1.00 22.04 ? 41  ASP A CB  1 
ATOM   106 C  CG  . ASP A 1 14 ? -18.375 8.758   5.889   1.00 27.46 ? 41  ASP A CG  1 
ATOM   107 O  OD1 . ASP A 1 14 ? -17.845 8.730   7.021   1.00 30.39 ? 41  ASP A OD1 1 
ATOM   108 O  OD2 . ASP A 1 14 ? -18.848 7.731   5.343   1.00 29.52 ? 41  ASP A OD2 1 
ATOM   109 N  N   . ALA A 1 15 ? -16.709 10.190  2.464   1.00 17.11 ? 42  ALA A N   1 
ATOM   110 C  CA  . ALA A 1 15 ? -16.124 9.480   1.331   1.00 16.47 ? 42  ALA A CA  1 
ATOM   111 C  C   . ALA A 1 15 ? -14.625 9.768   1.276   1.00 15.71 ? 42  ALA A C   1 
ATOM   112 O  O   . ALA A 1 15 ? -13.828 8.880   0.971   1.00 15.74 ? 42  ALA A O   1 
ATOM   113 C  CB  . ALA A 1 15 ? -16.801 9.914   0.023   1.00 14.47 ? 42  ALA A CB  1 
ATOM   114 N  N   . GLY A 1 16 ? -14.250 11.010  1.566   1.00 14.26 ? 43  GLY A N   1 
ATOM   115 C  CA  . GLY A 1 16 ? -12.848 11.377  1.553   1.00 12.53 ? 43  GLY A CA  1 
ATOM   116 C  C   . GLY A 1 16 ? -12.096 10.609  2.624   1.00 14.85 ? 43  GLY A C   1 
ATOM   117 O  O   . GLY A 1 16 ? -10.975 10.143  2.410   1.00 15.42 ? 43  GLY A O   1 
ATOM   118 N  N   . ILE A 1 17 ? -12.722 10.464  3.786   1.00 15.12 ? 44  ILE A N   1 
ATOM   119 C  CA  . ILE A 1 17 ? -12.108 9.736   4.880   1.00 18.36 ? 44  ILE A CA  1 
ATOM   120 C  C   . ILE A 1 17 ? -11.929 8.261   4.504   1.00 18.74 ? 44  ILE A C   1 
ATOM   121 O  O   . ILE A 1 17 ? -10.861 7.683   4.714   1.00 20.60 ? 44  ILE A O   1 
ATOM   122 C  CB  . ILE A 1 17 ? -12.956 9.855   6.164   1.00 20.09 ? 44  ILE A CB  1 
ATOM   123 C  CG1 . ILE A 1 17 ? -13.045 11.324  6.570   1.00 24.17 ? 44  ILE A CG1 1 
ATOM   124 C  CG2 . ILE A 1 17 ? -12.316 9.052   7.295   1.00 21.01 ? 44  ILE A CG2 1 
ATOM   125 C  CD1 . ILE A 1 17 ? -13.951 11.597  7.752   1.00 27.35 ? 44  ILE A CD1 1 
ATOM   126 N  N   . LYS A 1 18 ? -12.965 7.644   3.950   1.00 18.28 ? 45  LYS A N   1 
ATOM   127 C  CA  . LYS A 1 18 ? -12.840 6.246   3.548   1.00 19.03 ? 45  LYS A CA  1 
ATOM   128 C  C   . LYS A 1 18 ? -11.708 6.105   2.529   1.00 15.26 ? 45  LYS A C   1 
ATOM   129 O  O   . LYS A 1 18 ? -10.942 5.143   2.564   1.00 14.39 ? 45  LYS A O   1 
ATOM   130 C  CB  . LYS A 1 18 ? -14.151 5.733   2.943   1.00 22.05 ? 45  LYS A CB  1 
ATOM   131 C  CG  . LYS A 1 18 ? -15.265 5.544   3.965   1.00 26.77 ? 45  LYS A CG  1 
ATOM   132 C  CD  . LYS A 1 18 ? -16.371 4.635   3.416   1.00 29.81 ? 45  LYS A CD  1 
ATOM   133 C  CE  . LYS A 1 18 ? -17.496 4.465   4.422   0.00 29.58 ? 45  LYS A CE  1 
ATOM   134 N  NZ  . LYS A 1 18 ? -17.014 3.855   5.690   0.00 30.41 ? 45  LYS A NZ  1 
ATOM   135 N  N   . THR A 1 19 ? -11.606 7.081   1.636   1.00 15.02 ? 46  THR A N   1 
ATOM   136 C  CA  . THR A 1 19 ? -10.565 7.087   0.603   1.00 13.62 ? 46  THR A CA  1 
ATOM   137 C  C   . THR A 1 19 ? -9.192  7.110   1.257   1.00 10.70 ? 46  THR A C   1 
ATOM   138 O  O   . THR A 1 19 ? -8.324  6.309   0.923   1.00 9.65  ? 46  THR A O   1 
ATOM   139 C  CB  . THR A 1 19 ? -10.700 8.316   -0.302  1.00 12.57 ? 46  THR A CB  1 
ATOM   140 O  OG1 . THR A 1 19 ? -12.005 8.322   -0.877  1.00 15.71 ? 46  THR A OG1 1 
ATOM   141 C  CG2 . THR A 1 19 ? -9.664  8.292   -1.416  1.00 16.03 ? 46  THR A CG2 1 
ATOM   142 N  N   . ILE A 1 20 ? -8.998  8.041   2.182   1.00 11.31 ? 47  ILE A N   1 
ATOM   143 C  CA  . ILE A 1 20 ? -7.730  8.148   2.888   1.00 12.12 ? 47  ILE A CA  1 
ATOM   144 C  C   . ILE A 1 20 ? -7.450  6.870   3.674   1.00 11.87 ? 47  ILE A C   1 
ATOM   145 O  O   . ILE A 1 20 ? -6.327  6.382   3.683   1.00 12.14 ? 47  ILE A O   1 
ATOM   146 C  CB  . ILE A 1 20 ? -7.721  9.374   3.840   1.00 12.67 ? 47  ILE A CB  1 
ATOM   147 C  CG1 . ILE A 1 20 ? -7.481  10.652  3.020   1.00 12.23 ? 47  ILE A CG1 1 
ATOM   148 C  CG2 . ILE A 1 20 ? -6.627  9.213   4.915   1.00 9.67  ? 47  ILE A CG2 1 
ATOM   149 C  CD1 . ILE A 1 20 ? -7.943  11.929  3.692   1.00 11.55 ? 47  ILE A CD1 1 
ATOM   150 N  N   . THR A 1 21 ? -8.472  6.317   4.318   1.00 12.37 ? 48  THR A N   1 
ATOM   151 C  CA  . THR A 1 21 ? -8.295  5.088   5.085   1.00 11.50 ? 48  THR A CA  1 
ATOM   152 C  C   . THR A 1 21 ? -7.866  3.951   4.158   1.00 13.18 ? 48  THR A C   1 
ATOM   153 O  O   . THR A 1 21 ? -7.028  3.120   4.513   1.00 12.01 ? 48  THR A O   1 
ATOM   154 C  CB  . THR A 1 21 ? -9.597  4.709   5.794   1.00 11.23 ? 48  THR A CB  1 
ATOM   155 O  OG1 . THR A 1 21 ? -9.906  5.722   6.752   1.00 14.76 ? 48  THR A OG1 1 
ATOM   156 C  CG2 . THR A 1 21 ? -9.478  3.357   6.493   1.00 9.69  ? 48  THR A CG2 1 
HETATM 157 N  N   . MSE A 1 22 ? -8.443  3.913   2.964   1.00 12.25 ? 49  MSE A N   1 
HETATM 158 C  CA  . MSE A 1 22 ? -8.079  2.872   2.017   1.00 15.16 ? 49  MSE A CA  1 
HETATM 159 C  C   . MSE A 1 22 ? -6.628  2.998   1.518   1.00 13.95 ? 49  MSE A C   1 
HETATM 160 O  O   . MSE A 1 22 ? -5.939  1.997   1.327   1.00 12.49 ? 49  MSE A O   1 
HETATM 161 C  CB  . MSE A 1 22 ? -9.054  2.882   0.851   1.00 18.92 ? 49  MSE A CB  1 
HETATM 162 C  CG  . MSE A 1 22 ? -10.414 2.322   1.216   1.00 24.84 ? 49  MSE A CG  1 
HETATM 163 SE SE  . MSE A 1 22 ? -11.608 2.388   -0.279  1.00 32.29 ? 49  MSE A SE  1 
HETATM 164 C  CE  . MSE A 1 22 ? -11.218 0.666   -1.061  1.00 28.47 ? 49  MSE A CE  1 
ATOM   165 N  N   . LEU A 1 23 ? -6.153  4.222   1.321   1.00 12.44 ? 50  LEU A N   1 
ATOM   166 C  CA  . LEU A 1 23 ? -4.781  4.393   0.873   1.00 13.16 ? 50  LEU A CA  1 
ATOM   167 C  C   . LEU A 1 23 ? -3.821  4.017   2.001   1.00 13.93 ? 50  LEU A C   1 
ATOM   168 O  O   . LEU A 1 23 ? -2.817  3.356   1.763   1.00 13.61 ? 50  LEU A O   1 
ATOM   169 C  CB  . LEU A 1 23 ? -4.545  5.827   0.400   1.00 9.37  ? 50  LEU A CB  1 
ATOM   170 C  CG  . LEU A 1 23 ? -5.074  6.091   -1.011  1.00 13.40 ? 50  LEU A CG  1 
ATOM   171 C  CD1 . LEU A 1 23 ? -4.246  5.308   -2.017  1.00 12.71 ? 50  LEU A CD1 1 
ATOM   172 C  CD2 . LEU A 1 23 ? -6.547  5.684   -1.107  1.00 13.86 ? 50  LEU A CD2 1 
ATOM   173 N  N   . ASP A 1 24 ? -4.136  4.422   3.229   1.00 13.34 ? 51  ASP A N   1 
ATOM   174 C  CA  . ASP A 1 24 ? -3.287  4.093   4.372   1.00 14.77 ? 51  ASP A CA  1 
ATOM   175 C  C   . ASP A 1 24 ? -3.164  2.573   4.473   1.00 15.38 ? 51  ASP A C   1 
ATOM   176 O  O   . ASP A 1 24 ? -2.096  2.038   4.736   1.00 16.08 ? 51  ASP A O   1 
ATOM   177 C  CB  . ASP A 1 24 ? -3.892  4.641   5.658   1.00 18.57 ? 51  ASP A CB  1 
ATOM   178 C  CG  . ASP A 1 24 ? -2.914  4.618   6.805   1.00 22.98 ? 51  ASP A CG  1 
ATOM   179 O  OD1 . ASP A 1 24 ? -1.808  5.166   6.632   1.00 25.89 ? 51  ASP A OD1 1 
ATOM   180 O  OD2 . ASP A 1 24 ? -3.241  4.058   7.875   1.00 27.37 ? 51  ASP A OD2 1 
ATOM   181 N  N   . GLU A 1 25 ? -4.281  1.888   4.257   1.00 15.58 ? 52  GLU A N   1 
ATOM   182 C  CA  . GLU A 1 25 ? -4.321  0.437   4.273   1.00 17.39 ? 52  GLU A CA  1 
ATOM   183 C  C   . GLU A 1 25 ? -3.524  -0.068  3.063   1.00 17.27 ? 52  GLU A C   1 
ATOM   184 O  O   . GLU A 1 25 ? -2.935  -1.143  3.086   1.00 17.18 ? 52  GLU A O   1 
ATOM   185 C  CB  . GLU A 1 25 ? -5.780  -0.023  4.184   1.00 19.33 ? 52  GLU A CB  1 
ATOM   186 C  CG  . GLU A 1 25 ? -5.994  -1.504  3.973   1.00 23.03 ? 52  GLU A CG  1 
ATOM   187 C  CD  . GLU A 1 25 ? -7.480  -1.864  3.947   1.00 28.56 ? 52  GLU A CD  1 
ATOM   188 O  OE1 . GLU A 1 25 ? -8.146  -1.719  4.999   1.00 31.77 ? 52  GLU A OE1 1 
ATOM   189 O  OE2 . GLU A 1 25 ? -7.984  -2.283  2.879   1.00 27.52 ? 52  GLU A OE2 1 
ATOM   190 N  N   . GLN A 1 26 ? -3.500  0.723   2.002   1.00 18.86 ? 53  GLN A N   1 
ATOM   191 C  CA  . GLN A 1 26 ? -2.773  0.324   0.812   1.00 20.49 ? 53  GLN A CA  1 
ATOM   192 C  C   . GLN A 1 26 ? -1.271  0.472   1.030   1.00 20.05 ? 53  GLN A C   1 
ATOM   193 O  O   . GLN A 1 26 ? -0.471  -0.282  0.473   1.00 20.61 ? 53  GLN A O   1 
ATOM   194 C  CB  . GLN A 1 26 ? -3.216  1.175   -0.378  1.00 20.97 ? 53  GLN A CB  1 
ATOM   195 C  CG  . GLN A 1 26 ? -2.906  0.541   -1.711  1.00 20.31 ? 53  GLN A CG  1 
ATOM   196 C  CD  . GLN A 1 26 ? -3.937  0.892   -2.763  1.00 21.44 ? 53  GLN A CD  1 
ATOM   197 O  OE1 . GLN A 1 26 ? -3.693  1.716   -3.645  1.00 12.70 ? 53  GLN A OE1 1 
ATOM   198 N  NE2 . GLN A 1 26 ? -5.114  0.269   -2.661  1.00 21.52 ? 53  GLN A NE2 1 
ATOM   199 N  N   . LYS A 1 27 ? -0.909  1.447   1.855   1.00 20.39 ? 54  LYS A N   1 
ATOM   200 C  CA  . LYS A 1 27 ? 0.480   1.753   2.180   1.00 20.72 ? 54  LYS A CA  1 
ATOM   201 C  C   . LYS A 1 27 ? 1.162   0.602   2.912   1.00 20.81 ? 54  LYS A C   1 
ATOM   202 O  O   . LYS A 1 27 ? 2.219   0.131   2.498   1.00 21.07 ? 54  LYS A O   1 
ATOM   203 C  CB  . LYS A 1 27 ? 0.531   3.014   3.048   1.00 21.65 ? 54  LYS A CB  1 
ATOM   204 C  CG  . LYS A 1 27 ? 1.928   3.542   3.331   1.00 23.57 ? 54  LYS A CG  1 
ATOM   205 C  CD  . LYS A 1 27 ? 2.586   4.073   2.059   1.00 25.36 ? 54  LYS A CD  1 
ATOM   206 C  CE  . LYS A 1 27 ? 3.993   4.573   2.335   0.00 26.74 ? 54  LYS A CE  1 
ATOM   207 N  NZ  . LYS A 1 27 ? 4.658   5.080   1.103   0.00 27.45 ? 54  LYS A NZ  1 
ATOM   208 N  N   . GLU A 1 28 ? 0.554   0.156   4.008   1.00 21.15 ? 55  GLU A N   1 
ATOM   209 C  CA  . GLU A 1 28 ? 1.113   -0.938  4.786   1.00 20.77 ? 55  GLU A CA  1 
ATOM   210 C  C   . GLU A 1 28 ? 1.322   -2.160  3.917   1.00 19.80 ? 55  GLU A C   1 
ATOM   211 O  O   . GLU A 1 28 ? 2.339   -2.850  4.035   1.00 20.95 ? 55  GLU A O   1 
ATOM   212 C  CB  . GLU A 1 28 ? 0.198   -1.292  5.961   1.00 25.99 ? 55  GLU A CB  1 
ATOM   213 C  CG  . GLU A 1 28 ? 0.582   -0.591  7.246   1.00 31.10 ? 55  GLU A CG  1 
ATOM   214 C  CD  . GLU A 1 28 ? 2.057   -0.765  7.570   1.00 33.79 ? 55  GLU A CD  1 
ATOM   215 O  OE1 . GLU A 1 28 ? 2.453   -1.868  8.006   1.00 34.13 ? 55  GLU A OE1 1 
ATOM   216 O  OE2 . GLU A 1 28 ? 2.824   0.200   7.370   1.00 36.69 ? 55  GLU A OE2 1 
ATOM   217 N  N   . GLN A 1 29 ? 0.360   -2.423  3.043   1.00 17.59 ? 56  GLN A N   1 
ATOM   218 C  CA  . GLN A 1 29 ? 0.448   -3.565  2.155   1.00 17.17 ? 56  GLN A CA  1 
ATOM   219 C  C   . GLN A 1 29 ? 1.640   -3.410  1.227   1.00 17.09 ? 56  GLN A C   1 
ATOM   220 O  O   . GLN A 1 29 ? 2.371   -4.370  0.981   1.00 18.35 ? 56  GLN A O   1 
ATOM   221 C  CB  . GLN A 1 29 ? -0.842  -3.711  1.352   1.00 19.95 ? 56  GLN A CB  1 
ATOM   222 C  CG  . GLN A 1 29 ? -0.839  -4.908  0.425   1.00 22.14 ? 56  GLN A CG  1 
ATOM   223 C  CD  . GLN A 1 29 ? -2.232  -5.404  0.134   1.00 22.83 ? 56  GLN A CD  1 
ATOM   224 O  OE1 . GLN A 1 29 ? -3.146  -4.613  -0.091  1.00 22.73 ? 56  GLN A OE1 1 
ATOM   225 N  NE2 . GLN A 1 29 ? -2.402  -6.722  0.121   1.00 25.03 ? 56  GLN A NE2 1 
ATOM   226 N  N   . LEU A 1 30 ? 1.847   -2.205  0.708   1.00 14.86 ? 57  LEU A N   1 
ATOM   227 C  CA  . LEU A 1 30 ? 2.989   -1.977  -0.155  1.00 13.87 ? 57  LEU A CA  1 
ATOM   228 C  C   . LEU A 1 30 ? 4.253   -2.163  0.678   1.00 15.07 ? 57  LEU A C   1 
ATOM   229 O  O   . LEU A 1 30 ? 5.238   -2.733  0.215   1.00 13.92 ? 57  LEU A O   1 
ATOM   230 C  CB  . LEU A 1 30 ? 2.943   -0.572  -0.762  1.00 14.18 ? 57  LEU A CB  1 
ATOM   231 C  CG  . LEU A 1 30 ? 1.829   -0.313  -1.795  1.00 18.52 ? 57  LEU A CG  1 
ATOM   232 C  CD1 . LEU A 1 30 ? 1.990   1.087   -2.378  1.00 19.83 ? 57  LEU A CD1 1 
ATOM   233 C  CD2 . LEU A 1 30 ? 1.876   -1.360  -2.908  1.00 16.51 ? 57  LEU A CD2 1 
ATOM   234 N  N   . ASN A 1 31 ? 4.224   -1.698  1.921   1.00 16.36 ? 58  ASN A N   1 
ATOM   235 C  CA  . ASN A 1 31 ? 5.389   -1.857  2.773   1.00 18.06 ? 58  ASN A CA  1 
ATOM   236 C  C   . ASN A 1 31 ? 5.729   -3.338  2.892   1.00 18.25 ? 58  ASN A C   1 
ATOM   237 O  O   . ASN A 1 31 ? 6.881   -3.728  2.763   1.00 18.74 ? 58  ASN A O   1 
ATOM   238 C  CB  . ASN A 1 31 ? 5.144   -1.265  4.167   1.00 19.12 ? 58  ASN A CB  1 
ATOM   239 C  CG  . ASN A 1 31 ? 5.118   0.264   4.166   1.00 20.06 ? 58  ASN A CG  1 
ATOM   240 O  OD1 . ASN A 1 31 ? 5.607   0.913   3.230   1.00 20.10 ? 58  ASN A OD1 1 
ATOM   241 N  ND2 . ASN A 1 31 ? 4.563   0.843   5.225   1.00 16.08 ? 58  ASN A ND2 1 
ATOM   242 N  N   . ARG A 1 32 ? 4.723   -4.171  3.127   1.00 19.22 ? 59  ARG A N   1 
ATOM   243 C  CA  . ARG A 1 32 ? 4.976   -5.596  3.253   1.00 18.38 ? 59  ARG A CA  1 
ATOM   244 C  C   . ARG A 1 32 ? 5.587   -6.166  1.979   1.00 20.83 ? 59  ARG A C   1 
ATOM   245 O  O   . ARG A 1 32 ? 6.512   -6.973  2.027   1.00 22.71 ? 59  ARG A O   1 
ATOM   246 C  CB  . ARG A 1 32 ? 3.683   -6.340  3.577   1.00 18.48 ? 59  ARG A CB  1 
ATOM   247 C  CG  . ARG A 1 32 ? 3.023   -5.908  4.876   1.00 15.80 ? 59  ARG A CG  1 
ATOM   248 C  CD  . ARG A 1 32 ? 2.103   -6.984  5.403   1.00 14.13 ? 59  ARG A CD  1 
ATOM   249 N  NE  . ARG A 1 32 ? 0.935   -7.220  4.558   1.00 14.79 ? 59  ARG A NE  1 
ATOM   250 C  CZ  . ARG A 1 32 ? -0.130  -6.422  4.502   1.00 16.50 ? 59  ARG A CZ  1 
ATOM   251 N  NH1 . ARG A 1 32 ? -0.183  -5.317  5.242   1.00 17.27 ? 59  ARG A NH1 1 
ATOM   252 N  NH2 . ARG A 1 32 ? -1.151  -6.734  3.712   1.00 16.30 ? 59  ARG A NH2 1 
ATOM   253 N  N   . ILE A 1 33 ? 5.069   -5.735  0.837   1.00 22.53 ? 60  ILE A N   1 
ATOM   254 C  CA  . ILE A 1 33 ? 5.544   -6.208  -0.452  1.00 21.57 ? 60  ILE A CA  1 
ATOM   255 C  C   . ILE A 1 33 ? 6.984   -5.810  -0.717  1.00 24.14 ? 60  ILE A C   1 
ATOM   256 O  O   . ILE A 1 33 ? 7.829   -6.652  -1.015  1.00 23.95 ? 60  ILE A O   1 
ATOM   257 C  CB  . ILE A 1 33 ? 4.654   -5.660  -1.594  1.00 19.73 ? 60  ILE A CB  1 
ATOM   258 C  CG1 . ILE A 1 33 ? 3.282   -6.336  -1.544  1.00 17.93 ? 60  ILE A CG1 1 
ATOM   259 C  CG2 . ILE A 1 33 ? 5.323   -5.885  -2.941  1.00 16.61 ? 60  ILE A CG2 1 
ATOM   260 C  CD1 . ILE A 1 33 ? 2.271   -5.746  -2.488  1.00 18.00 ? 60  ILE A CD1 1 
ATOM   261 N  N   . GLU A 1 34 ? 7.256   -4.517  -0.611  1.00 26.38 ? 61  GLU A N   1 
ATOM   262 C  CA  . GLU A 1 34 ? 8.590   -4.001  -0.866  1.00 28.47 ? 61  GLU A CA  1 
ATOM   263 C  C   . GLU A 1 34 ? 9.656   -4.733  -0.068  1.00 31.05 ? 61  GLU A C   1 
ATOM   264 O  O   . GLU A 1 34 ? 10.643  -5.206  -0.629  1.00 30.94 ? 61  GLU A O   1 
ATOM   265 C  CB  . GLU A 1 34 ? 8.627   -2.503  -0.565  1.00 26.79 ? 61  GLU A CB  1 
ATOM   266 C  CG  . GLU A 1 34 ? 10.009  -1.898  -0.519  1.00 27.24 ? 61  GLU A CG  1 
ATOM   267 C  CD  . GLU A 1 34 ? 9.971   -0.390  -0.634  1.00 27.05 ? 61  GLU A CD  1 
ATOM   268 O  OE1 . GLU A 1 34 ? 8.988   0.216   -0.163  1.00 27.27 ? 61  GLU A OE1 1 
ATOM   269 O  OE2 . GLU A 1 34 ? 10.922  0.192   -1.189  1.00 27.71 ? 61  GLU A OE2 1 
ATOM   270 N  N   . GLU A 1 35 ? 9.463   -4.839  1.240   1.00 33.38 ? 62  GLU A N   1 
ATOM   271 C  CA  . GLU A 1 35 ? 10.447  -5.526  2.055   1.00 35.81 ? 62  GLU A CA  1 
ATOM   272 C  C   . GLU A 1 35 ? 10.431  -7.002  1.705   1.00 36.27 ? 62  GLU A C   1 
ATOM   273 O  O   . GLU A 1 35 ? 11.463  -7.671  1.755   1.00 37.08 ? 62  GLU A O   1 
ATOM   274 C  CB  . GLU A 1 35 ? 10.154  -5.311  3.541   1.00 37.69 ? 62  GLU A CB  1 
ATOM   275 C  CG  . GLU A 1 35 ? 8.787   -5.747  3.989   1.00 41.60 ? 62  GLU A CG  1 
ATOM   276 C  CD  . GLU A 1 35 ? 8.442   -5.215  5.366   1.00 45.27 ? 62  GLU A CD  1 
ATOM   277 O  OE1 . GLU A 1 35 ? 7.312   -5.478  5.838   1.00 46.57 ? 62  GLU A OE1 1 
ATOM   278 O  OE2 . GLU A 1 35 ? 9.300   -4.531  5.973   1.00 46.12 ? 62  GLU A OE2 1 
ATOM   279 N  N   . GLY A 1 36 ? 9.256   -7.503  1.338   1.00 36.70 ? 63  GLY A N   1 
ATOM   280 C  CA  . GLY A 1 36 ? 9.139   -8.893  0.954   1.00 35.34 ? 63  GLY A CA  1 
ATOM   281 C  C   . GLY A 1 36 ? 10.087  -9.118  -0.205  1.00 36.98 ? 63  GLY A C   1 
ATOM   282 O  O   . GLY A 1 36 ? 10.751  -10.153 -0.290  1.00 37.76 ? 63  GLY A O   1 
ATOM   283 N  N   . LEU A 1 37 ? 10.152  -8.142  -1.105  1.00 37.20 ? 64  LEU A N   1 
ATOM   284 C  CA  . LEU A 1 37 ? 11.046  -8.221  -2.253  1.00 38.55 ? 64  LEU A CA  1 
ATOM   285 C  C   . LEU A 1 37 ? 12.476  -8.234  -1.745  1.00 39.58 ? 64  LEU A C   1 
ATOM   286 O  O   . LEU A 1 37 ? 13.307  -9.010  -2.208  1.00 40.08 ? 64  LEU A O   1 
ATOM   287 C  CB  . LEU A 1 37 ? 10.870  -7.011  -3.166  1.00 37.78 ? 64  LEU A CB  1 
ATOM   288 C  CG  . LEU A 1 37 ? 10.020  -7.136  -4.430  1.00 39.06 ? 64  LEU A CG  1 
ATOM   289 C  CD1 . LEU A 1 37 ? 8.572   -7.436  -4.076  1.00 38.05 ? 64  LEU A CD1 1 
ATOM   290 C  CD2 . LEU A 1 37 ? 10.123  -5.832  -5.216  1.00 39.11 ? 64  LEU A CD2 1 
ATOM   291 N  N   . ASP A 1 38 ? 12.748  -7.363  -0.782  1.00 41.35 ? 65  ASP A N   1 
ATOM   292 C  CA  . ASP A 1 38 ? 14.072  -7.239  -0.197  1.00 42.31 ? 65  ASP A CA  1 
ATOM   293 C  C   . ASP A 1 38 ? 14.512  -8.486  0.553   1.00 41.84 ? 65  ASP A C   1 
ATOM   294 O  O   . ASP A 1 38 ? 15.630  -8.556  1.055   1.00 43.21 ? 65  ASP A O   1 
ATOM   295 C  CB  . ASP A 1 38 ? 14.116  -6.027  0.733   1.00 45.18 ? 65  ASP A CB  1 
ATOM   296 C  CG  . ASP A 1 38 ? 13.922  -4.718  -0.013  1.00 47.38 ? 65  ASP A CG  1 
ATOM   297 O  OD1 . ASP A 1 38 ? 14.713  -4.448  -0.938  1.00 47.69 ? 65  ASP A OD1 1 
ATOM   298 O  OD2 . ASP A 1 38 ? 12.982  -3.961  0.318   1.00 49.30 ? 65  ASP A OD2 1 
ATOM   299 N  N   . GLN A 1 39 ? 13.619  -9.442  0.659   1.00 39.92 ? 66  GLN A N   1 
ATOM   300 C  CA  . GLN A 1 39 ? 13.975  -10.703 1.290   1.00 39.16 ? 66  GLN A CA  1 
ATOM   301 C  C   . GLN A 1 39 ? 14.430  -11.728 0.261   1.00 41.40 ? 66  GLN A C   1 
ATOM   302 O  O   . GLN A 1 39 ? 15.377  -12.449 0.445   1.00 43.26 ? 66  GLN A O   1 
ATOM   303 C  CB  . GLN A 1 39 ? 12.798  -11.246 2.103   1.00 37.54 ? 66  GLN A CB  1 
ATOM   304 C  CG  . GLN A 1 39 ? 12.343  -10.326 3.224   0.00 33.55 ? 66  GLN A CG  1 
ATOM   305 C  CD  . GLN A 1 39 ? 11.176  -10.896 4.007   0.00 20.00 ? 66  GLN A CD  1 
ATOM   306 O  OE1 . GLN A 1 39 ? 10.691  -11.987 3.711   0.00 20.00 ? 66  GLN A OE1 1 
ATOM   307 N  NE2 . GLN A 1 39 ? 10.570  -10.326 5.044   0.00 20.00 ? 66  GLN A NE2 1 
ATOM   308 N  N   . ILE A 1 40 ? 13.731  -11.673 -0.887  1.00 42.77 ? 67  ILE A N   1 
ATOM   309 C  CA  . ILE A 1 40 ? 14.039  -12.562 -1.998  1.00 44.70 ? 67  ILE A CA  1 
ATOM   310 C  C   . ILE A 1 40 ? 15.381  -12.242 -2.647  1.00 46.99 ? 67  ILE A C   1 
ATOM   311 O  O   . ILE A 1 40 ? 16.190  -13.132 -2.888  1.00 46.82 ? 67  ILE A O   1 
ATOM   312 C  CB  . ILE A 1 40 ? 12.954  -12.483 -3.088  1.00 43.98 ? 67  ILE A CB  1 
ATOM   313 C  CG1 . ILE A 1 40 ? 11.630  -13.014 -2.543  1.00 42.97 ? 67  ILE A CG1 1 
ATOM   314 C  CG2 . ILE A 1 40 ? 13.396  -13.267 -4.317  1.00 43.41 ? 67  ILE A CG2 1 
ATOM   315 C  CD1 . ILE A 1 40 ? 10.485  -12.936 -3.529  1.00 41.89 ? 67  ILE A CD1 1 
ATOM   316 N  N   . ASN A 1 41 ? 15.606  -10.968 -2.943  1.00 49.58 ? 68  ASN A N   1 
ATOM   317 C  CA  . ASN A 1 41 ? 16.842  -10.550 -3.581  1.00 52.04 ? 68  ASN A CA  1 
ATOM   318 C  C   . ASN A 1 41 ? 18.028  -10.950 -2.712  1.00 53.84 ? 68  ASN A C   1 
ATOM   319 O  O   . ASN A 1 41 ? 19.148  -11.104 -3.208  1.00 53.16 ? 68  ASN A O   1 
ATOM   320 C  CB  . ASN A 1 41 ? 16.844  -9.037  -3.795  1.00 53.05 ? 68  ASN A CB  1 
ATOM   321 C  CG  . ASN A 1 41 ? 17.120  -8.273  -2.522  1.00 54.26 ? 68  ASN A CG  1 
ATOM   322 O  OD1 . ASN A 1 41 ? 16.413  -8.422  -1.527  1.00 55.67 ? 68  ASN A OD1 1 
ATOM   323 N  ND2 . ASN A 1 41 ? 18.160  -7.448  -2.544  1.00 56.64 ? 68  ASN A ND2 1 
ATOM   324 N  N   . LYS A 1 42 ? 17.783  -11.109 -1.414  1.00 54.87 ? 69  LYS A N   1 
ATOM   325 C  CA  . LYS A 1 42 ? 18.841  -11.507 -0.498  1.00 56.57 ? 69  LYS A CA  1 
ATOM   326 C  C   . LYS A 1 42 ? 19.310  -12.895 -0.911  1.00 57.62 ? 69  LYS A C   1 
ATOM   327 O  O   . LYS A 1 42 ? 20.464  -13.087 -1.297  1.00 56.97 ? 69  LYS A O   1 
ATOM   328 C  CB  . LYS A 1 42 ? 18.328  -11.533 0.947   1.00 56.47 ? 69  LYS A CB  1 
ATOM   329 C  CG  . LYS A 1 42 ? 18.044  -10.162 1.561   0.00 56.30 ? 69  LYS A CG  1 
ATOM   330 C  CD  . LYS A 1 42 ? 19.311  -9.436  2.015   0.00 55.99 ? 69  LYS A CD  1 
ATOM   331 C  CE  . LYS A 1 42 ? 20.141  -8.911  0.850   0.00 55.87 ? 69  LYS A CE  1 
ATOM   332 N  NZ  . LYS A 1 42 ? 21.333  -8.150  1.320   0.00 55.79 ? 69  LYS A NZ  1 
ATOM   333 N  N   . ASP A 1 43 ? 18.402  -13.863 -0.835  1.00 58.94 ? 70  ASP A N   1 
ATOM   334 C  CA  . ASP A 1 43 ? 18.719  -15.230 -1.213  1.00 60.71 ? 70  ASP A CA  1 
ATOM   335 C  C   . ASP A 1 43 ? 19.220  -15.229 -2.649  1.00 61.91 ? 70  ASP A C   1 
ATOM   336 O  O   . ASP A 1 43 ? 20.262  -15.806 -2.960  1.00 62.05 ? 70  ASP A O   1 
ATOM   337 C  CB  . ASP A 1 43 ? 17.472  -16.106 -1.115  1.00 61.56 ? 70  ASP A CB  1 
ATOM   338 C  CG  . ASP A 1 43 ? 16.878  -16.125 0.278   1.00 61.66 ? 70  ASP A CG  1 
ATOM   339 O  OD1 . ASP A 1 43 ? 16.548  -15.042 0.798   1.00 60.12 ? 70  ASP A OD1 1 
ATOM   340 O  OD2 . ASP A 1 43 ? 16.736  -17.228 0.848   1.00 63.70 ? 70  ASP A OD2 1 
HETATM 341 N  N   . MSE A 1 44 ? 18.468  -14.565 -3.518  1.00 63.08 ? 71  MSE A N   1 
HETATM 342 C  CA  . MSE A 1 44 ? 18.808  -14.481 -4.930  1.00 64.78 ? 71  MSE A CA  1 
HETATM 343 C  C   . MSE A 1 44 ? 20.154  -13.803 -5.163  1.00 64.71 ? 71  MSE A C   1 
HETATM 344 O  O   . MSE A 1 44 ? 20.646  -13.745 -6.292  1.00 64.92 ? 71  MSE A O   1 
HETATM 345 C  CB  . MSE A 1 44 ? 17.711  -13.730 -5.683  1.00 68.22 ? 71  MSE A CB  1 
HETATM 346 C  CG  . MSE A 1 44 ? 17.928  -13.682 -7.175  1.00 71.81 ? 71  MSE A CG  1 
HETATM 347 SE SE  . MSE A 1 44 ? 18.326  -15.439 -7.840  1.00 79.23 ? 71  MSE A SE  1 
HETATM 348 C  CE  . MSE A 1 44 ? 16.516  -16.080 -8.079  1.00 76.84 ? 71  MSE A CE  1 
ATOM   349 N  N   . ARG A 1 45 ? 20.750  -13.292 -4.095  1.00 64.07 ? 72  ARG A N   1 
ATOM   350 C  CA  . ARG A 1 45 ? 22.036  -12.621 -4.205  1.00 63.77 ? 72  ARG A CA  1 
ATOM   351 C  C   . ARG A 1 45 ? 23.148  -13.644 -4.011  1.00 63.25 ? 72  ARG A C   1 
ATOM   352 O  O   . ARG A 1 45 ? 24.049  -13.769 -4.844  1.00 64.16 ? 72  ARG A O   1 
ATOM   353 C  CB  . ARG A 1 45 ? 22.157  -11.529 -3.141  1.00 64.25 ? 72  ARG A CB  1 
ATOM   354 C  CG  . ARG A 1 45 ? 23.289  -10.540 -3.378  0.00 64.37 ? 72  ARG A CG  1 
ATOM   355 C  CD  . ARG A 1 45 ? 22.834  -9.362  -4.230  0.00 64.67 ? 72  ARG A CD  1 
ATOM   356 N  NE  . ARG A 1 45 ? 22.332  -9.769  -5.540  0.00 64.99 ? 72  ARG A NE  1 
ATOM   357 C  CZ  . ARG A 1 45 ? 21.812  -8.931  -6.431  0.00 65.25 ? 72  ARG A CZ  1 
ATOM   358 N  NH1 . ARG A 1 45 ? 21.725  -7.637  -6.154  0.00 65.54 ? 72  ARG A NH1 1 
ATOM   359 N  NH2 . ARG A 1 45 ? 21.380  -9.384  -7.600  0.00 65.55 ? 72  ARG A NH2 1 
ATOM   360 N  N   . GLU A 1 46 ? 23.069  -14.377 -2.905  1.00 60.96 ? 73  GLU A N   1 
ATOM   361 C  CA  . GLU A 1 46 ? 24.066  -15.384 -2.577  1.00 58.64 ? 73  GLU A CA  1 
ATOM   362 C  C   . GLU A 1 46 ? 23.833  -16.699 -3.316  1.00 57.52 ? 73  GLU A C   1 
ATOM   363 O  O   . GLU A 1 46 ? 24.767  -17.477 -3.519  1.00 57.27 ? 73  GLU A O   1 
ATOM   364 C  CB  . GLU A 1 46 ? 24.082  -15.623 -1.064  1.00 58.89 ? 73  GLU A CB  1 
ATOM   365 C  CG  . GLU A 1 46 ? 22.756  -16.092 -0.485  1.00 59.58 ? 73  GLU A CG  1 
ATOM   366 C  CD  . GLU A 1 46 ? 22.731  -16.057 1.033   1.00 60.23 ? 73  GLU A CD  1 
ATOM   367 O  OE1 . GLU A 1 46 ? 21.743  -16.536 1.626   1.00 60.65 ? 73  GLU A OE1 1 
ATOM   368 O  OE2 . GLU A 1 46 ? 23.698  -15.544 1.637   1.00 62.61 ? 73  GLU A OE2 1 
ATOM   369 N  N   . THR A 1 47 ? 22.589  -16.948 -3.714  1.00 56.33 ? 74  THR A N   1 
ATOM   370 C  CA  . THR A 1 47 ? 22.259  -18.171 -4.435  1.00 54.60 ? 74  THR A CA  1 
ATOM   371 C  C   . THR A 1 47 ? 23.158  -18.282 -5.658  1.00 53.42 ? 74  THR A C   1 
ATOM   372 O  O   . THR A 1 47 ? 23.834  -19.290 -5.856  1.00 52.93 ? 74  THR A O   1 
ATOM   373 C  CB  . THR A 1 47 ? 20.777  -18.182 -4.889  1.00 54.87 ? 74  THR A CB  1 
ATOM   374 O  OG1 . THR A 1 47 ? 19.926  -18.316 -3.744  1.00 54.38 ? 74  THR A OG1 1 
ATOM   375 C  CG2 . THR A 1 47 ? 20.510  -19.343 -5.847  1.00 53.86 ? 74  THR A CG2 1 
ATOM   376 N  N   . GLU A 1 48 ? 23.163  -17.234 -6.474  1.00 52.44 ? 75  GLU A N   1 
ATOM   377 C  CA  . GLU A 1 48 ? 23.983  -17.205 -7.676  1.00 52.04 ? 75  GLU A CA  1 
ATOM   378 C  C   . GLU A 1 48 ? 25.453  -17.276 -7.282  1.00 51.62 ? 75  GLU A C   1 
ATOM   379 O  O   . GLU A 1 48 ? 26.310  -17.615 -8.098  1.00 50.95 ? 75  GLU A O   1 
ATOM   380 C  CB  . GLU A 1 48 ? 23.717  -15.920 -8.464  1.00 52.00 ? 75  GLU A CB  1 
ATOM   381 C  CG  . GLU A 1 48 ? 24.484  -15.817 -9.770  0.00 51.10 ? 75  GLU A CG  1 
ATOM   382 C  CD  . GLU A 1 48 ? 24.186  -14.533 -10.518 0.00 50.68 ? 75  GLU A CD  1 
ATOM   383 O  OE1 . GLU A 1 48 ? 23.003  -14.291 -10.837 0.00 50.46 ? 75  GLU A OE1 1 
ATOM   384 O  OE2 . GLU A 1 48 ? 25.135  -13.766 -10.789 0.00 50.42 ? 75  GLU A OE2 1 
ATOM   385 N  N   . LYS A 1 49 ? 25.736  -16.947 -6.024  1.00 50.86 ? 76  LYS A N   1 
ATOM   386 C  CA  . LYS A 1 49 ? 27.098  -16.977 -5.511  1.00 50.17 ? 76  LYS A CA  1 
ATOM   387 C  C   . LYS A 1 49 ? 27.470  -18.388 -5.073  1.00 49.26 ? 76  LYS A C   1 
ATOM   388 O  O   . LYS A 1 49 ? 28.605  -18.828 -5.266  1.00 48.26 ? 76  LYS A O   1 
ATOM   389 C  CB  . LYS A 1 49 ? 27.246  -16.008 -4.332  1.00 50.54 ? 76  LYS A CB  1 
ATOM   390 C  CG  . LYS A 1 49 ? 27.027  -14.549 -4.702  0.00 50.85 ? 76  LYS A CG  1 
ATOM   391 C  CD  . LYS A 1 49 ? 27.218  -13.638 -3.501  0.00 51.37 ? 76  LYS A CD  1 
ATOM   392 C  CE  . LYS A 1 49 ? 27.014  -12.179 -3.880  0.00 51.99 ? 76  LYS A CE  1 
ATOM   393 N  NZ  . LYS A 1 49 ? 27.980  -11.737 -4.923  0.00 51.94 ? 76  LYS A NZ  1 
ATOM   394 N  N   . THR A 1 50 ? 26.512  -19.096 -4.478  1.00 48.55 ? 77  THR A N   1 
ATOM   395 C  CA  . THR A 1 50 ? 26.756  -20.461 -4.031  1.00 48.39 ? 77  THR A CA  1 
ATOM   396 C  C   . THR A 1 50 ? 26.999  -21.332 -5.253  1.00 49.08 ? 77  THR A C   1 
ATOM   397 O  O   . THR A 1 50 ? 27.821  -22.249 -5.227  1.00 48.88 ? 77  THR A O   1 
ATOM   398 C  CB  . THR A 1 50 ? 25.566  -21.033 -3.252  1.00 47.19 ? 77  THR A CB  1 
ATOM   399 O  OG1 . THR A 1 50 ? 25.377  -20.282 -2.047  1.00 42.97 ? 77  THR A OG1 1 
ATOM   400 C  CG2 . THR A 1 50 ? 25.821  -22.491 -2.903  1.00 49.45 ? 77  THR A CG2 1 
ATOM   401 N  N   . LEU A 1 51 ? 26.273  -21.038 -6.325  1.00 49.14 ? 78  LEU A N   1 
ATOM   402 C  CA  . LEU A 1 51 ? 26.438  -21.777 -7.562  1.00 49.75 ? 78  LEU A CA  1 
ATOM   403 C  C   . LEU A 1 51 ? 27.910  -21.657 -7.944  1.00 51.10 ? 78  LEU A C   1 
ATOM   404 O  O   . LEU A 1 51 ? 28.565  -22.655 -8.252  1.00 51.60 ? 78  LEU A O   1 
ATOM   405 C  CB  . LEU A 1 51 ? 25.554  -21.178 -8.657  1.00 48.85 ? 78  LEU A CB  1 
ATOM   406 C  CG  . LEU A 1 51 ? 24.044  -21.212 -8.402  0.00 49.77 ? 78  LEU A CG  1 
ATOM   407 C  CD1 . LEU A 1 51 ? 23.320  -20.466 -9.510  0.00 49.77 ? 78  LEU A CD1 1 
ATOM   408 C  CD2 . LEU A 1 51 ? 23.567  -22.654 -8.323  0.00 50.06 ? 78  LEU A CD2 1 
ATOM   409 N  N   . THR A 1 52 ? 28.424  -20.430 -7.901  1.00 51.40 ? 79  THR A N   1 
ATOM   410 C  CA  . THR A 1 52 ? 29.816  -20.151 -8.234  1.00 52.28 ? 79  THR A CA  1 
ATOM   411 C  C   . THR A 1 52 ? 30.763  -21.153 -7.579  1.00 52.50 ? 79  THR A C   1 
ATOM   412 O  O   . THR A 1 52 ? 31.688  -21.653 -8.214  1.00 52.79 ? 79  THR A O   1 
ATOM   413 C  CB  . THR A 1 52 ? 30.223  -18.733 -7.784  0.00 52.81 ? 79  THR A CB  1 
ATOM   414 O  OG1 . THR A 1 52 ? 29.443  -17.763 -8.495  0.00 53.26 ? 79  THR A OG1 1 
ATOM   415 C  CG2 . THR A 1 52 ? 31.700  -18.489 -8.051  0.00 53.47 ? 79  THR A CG2 1 
ATOM   416 N  N   . GLU A 1 53 ? 30.530  -21.441 -6.304  1.00 52.75 ? 80  GLU A N   1 
ATOM   417 C  CA  . GLU A 1 53 ? 31.363  -22.387 -5.572  1.00 51.83 ? 80  GLU A CA  1 
ATOM   418 C  C   . GLU A 1 53 ? 30.883  -23.818 -5.794  1.00 51.21 ? 80  GLU A C   1 
ATOM   419 O  O   . GLU A 1 53 ? 30.916  -24.646 -4.882  1.00 51.22 ? 80  GLU A O   1 
ATOM   420 C  CB  . GLU A 1 53 ? 31.332  -22.060 -4.082  1.00 53.63 ? 80  GLU A CB  1 
ATOM   421 C  CG  . GLU A 1 53 ? 31.780  -20.652 -3.753  1.00 54.77 ? 80  GLU A CG  1 
ATOM   422 C  CD  . GLU A 1 53 ? 31.554  -20.311 -2.298  1.00 55.42 ? 80  GLU A CD  1 
ATOM   423 O  OE1 . GLU A 1 53 ? 30.386  -20.346 -1.860  1.00 55.02 ? 80  GLU A OE1 1 
ATOM   424 O  OE2 . GLU A 1 53 ? 32.542  -20.013 -1.593  1.00 57.35 ? 80  GLU A OE2 1 
ATOM   425 N  N   . LEU A 1 54 ? 30.431  -24.098 -7.013  1.00 49.36 ? 81  LEU A N   1 
ATOM   426 C  CA  . LEU A 1 54 ? 29.942  -25.423 -7.367  1.00 48.64 ? 81  LEU A CA  1 
ATOM   427 C  C   . LEU A 1 54 ? 30.525  -25.863 -8.703  1.00 48.47 ? 81  LEU A C   1 
ATOM   428 O  O   . LEU A 1 54 ? 30.854  -27.058 -8.841  1.00 46.01 ? 81  LEU A O   1 
ATOM   429 C  CB  . LEU A 1 54 ? 28.410  -25.428 -7.430  1.00 47.59 ? 81  LEU A CB  1 
ATOM   430 C  CG  . LEU A 1 54 ? 27.675  -25.214 -6.103  0.00 48.57 ? 81  LEU A CG  1 
ATOM   431 C  CD1 . LEU A 1 54 ? 26.176  -25.152 -6.350  0.00 49.23 ? 81  LEU A CD1 1 
ATOM   432 C  CD2 . LEU A 1 54 ? 28.013  -26.345 -5.143  0.00 49.10 ? 81  LEU A CD2 1 
ATOM   433 O  OXT . LEU A 1 54 ? 30.645  -25.007 -9.601  1.00 49.69 ? 81  LEU A OXT 1 
HETATM 434 O  O   . HOH B 2 .  ? -20.719 15.673  -3.393  1.00 23.13 ? 82  HOH A O   1 
HETATM 435 O  O   . HOH B 2 .  ? -26.259 11.280  -1.632  1.00 28.24 ? 83  HOH A O   1 
HETATM 436 O  O   . HOH B 2 .  ? -9.056  -0.176  7.122   1.00 22.80 ? 84  HOH A O   1 
HETATM 437 O  O   . HOH B 2 .  ? 13.463  -14.654 0.255   1.00 49.31 ? 85  HOH A O   1 
HETATM 438 O  O   . HOH B 2 .  ? -13.495 4.919   6.383   1.00 29.62 ? 86  HOH A O   1 
HETATM 439 O  O   . HOH B 2 .  ? -14.698 11.616  -2.838  1.00 25.90 ? 87  HOH A O   1 
HETATM 440 O  O   . HOH B 2 .  ? -25.614 7.445   0.537   1.00 31.83 ? 88  HOH A O   1 
HETATM 441 O  O   . HOH B 2 .  ? 1.622   -4.681  7.735   1.00 22.42 ? 89  HOH A O   1 
HETATM 442 O  O   . HOH B 2 .  ? -33.601 19.334  -5.625  1.00 32.86 ? 90  HOH A O   1 
HETATM 443 O  O   . HOH B 2 .  ? -15.500 16.348  0.517   1.00 22.46 ? 91  HOH A O   1 
HETATM 444 O  O   . HOH B 2 .  ? -11.823 0.134   7.368   1.00 26.34 ? 92  HOH A O   1 
HETATM 445 O  O   . HOH B 2 .  ? 32.244  -16.600 -0.381  1.00 38.43 ? 93  HOH A O   1 
HETATM 446 O  O   . HOH B 2 .  ? -27.960 11.338  -3.556  1.00 33.24 ? 94  HOH A O   1 
HETATM 447 O  O   . HOH B 2 .  ? -7.439  -0.607  -1.907  1.00 49.87 ? 95  HOH A O   1 
HETATM 448 O  O   . HOH B 2 .  ? -19.108 13.735  7.519   1.00 42.05 ? 96  HOH A O   1 
HETATM 449 O  O   . HOH B 2 .  ? -9.484  -4.453  2.462   1.00 43.12 ? 97  HOH A O   1 
HETATM 450 O  O   . HOH B 2 .  ? -32.102 24.477  1.333   1.00 48.64 ? 98  HOH A O   1 
HETATM 451 O  O   . HOH B 2 .  ? 30.152  -20.183 -11.234 1.00 49.13 ? 99  HOH A O   1 
HETATM 452 O  O   . HOH B 2 .  ? 11.135  1.300   2.237   1.00 46.63 ? 100 HOH A O   1 
HETATM 453 O  O   . HOH B 2 .  ? 0.536   6.243   4.952   1.00 39.01 ? 101 HOH A O   1 
HETATM 454 O  O   . HOH B 2 .  ? 15.963  -2.068  -1.553  1.00 36.08 ? 102 HOH A O   1 
HETATM 455 O  O   . HOH B 2 .  ? -11.772 -6.089  2.329   1.00 53.28 ? 103 HOH A O   1 
HETATM 456 O  O   . HOH B 2 .  ? -1.971  -7.421  6.684   1.00 43.62 ? 104 HOH A O   1 
HETATM 457 O  O   . HOH B 2 .  ? -25.439 4.653   1.160   1.00 33.61 ? 105 HOH A O   1 
HETATM 458 O  O   . HOH B 2 .  ? -15.495 6.748   6.778   1.00 41.36 ? 106 HOH A O   1 
HETATM 459 O  O   . HOH B 2 .  ? -9.818  -3.932  5.392   1.00 46.12 ? 107 HOH A O   1 
HETATM 460 O  O   . HOH B 2 .  ? -25.324 14.132  4.763   1.00 43.68 ? 108 HOH A O   1 
HETATM 461 O  O   . HOH B 2 .  ? -20.989 19.121  -1.610  1.00 40.20 ? 109 HOH A O   1 
HETATM 462 O  O   . HOH B 2 .  ? -2.480  -3.322  4.684   1.00 34.44 ? 110 HOH A O   1 
HETATM 463 O  O   . HOH B 2 .  ? 7.298   5.496   1.128   1.00 51.45 ? 111 HOH A O   1 
HETATM 464 O  O   . HOH B 2 .  ? -23.336 2.811   1.607   1.00 55.40 ? 112 HOH A O   1 
HETATM 465 O  O   . HOH B 2 .  ? -14.666 -4.817  0.838   1.00 51.88 ? 113 HOH A O   1 
HETATM 466 O  O   . HOH B 2 .  ? -18.894 4.934   7.864   1.00 47.40 ? 114 HOH A O   1 
HETATM 467 O  O   . HOH B 2 .  ? 31.234  -27.987 -6.341  1.00 47.04 ? 115 HOH A O   1 
HETATM 468 O  O   . HOH B 2 .  ? -13.378 2.293   8.015   1.00 50.98 ? 116 HOH A O   1 
HETATM 469 O  O   . HOH B 2 .  ? -21.859 13.965  -1.640  1.00 46.17 ? 117 HOH A O   1 
HETATM 470 O  O   . HOH B 2 .  ? -29.538 23.828  -6.730  1.00 53.76 ? 118 HOH A O   1 
HETATM 471 O  O   . HOH B 2 .  ? -27.696 18.324  5.762   1.00 44.50 ? 119 HOH A O   1 
HETATM 472 O  O   . HOH B 2 .  ? -11.759 10.913  -2.462  1.00 50.84 ? 120 HOH A O   1 
HETATM 473 O  O   . HOH B 2 .  ? -4.385  -7.496  5.604   1.00 45.81 ? 121 HOH A O   1 
HETATM 474 O  O   . HOH B 2 .  ? -12.025 -5.417  5.419   1.00 40.13 ? 122 HOH A O   1 
HETATM 475 O  O   . HOH B 2 .  ? 21.073  -15.256 -8.995  1.00 58.46 ? 123 HOH A O   1 
HETATM 476 O  O   . HOH B 2 .  ? 26.732  -17.775 -1.672  1.00 54.33 ? 124 HOH A O   1 
# 
